data_8IYW
#
_entry.id   8IYW
#
_cell.length_a   1.00
_cell.length_b   1.00
_cell.length_c   1.00
_cell.angle_alpha   90.00
_cell.angle_beta   90.00
_cell.angle_gamma   90.00
#
_symmetry.space_group_name_H-M   'P 1'
#
loop_
_entity.id
_entity.type
_entity.pdbx_description
1 polymer 'Guanine nucleotide-binding protein G(o) subunit alpha'
2 polymer 'Guanine nucleotide-binding protein G(I)/G(S)/G(T) subunit beta-1'
3 polymer 'Guanine nucleotide-binding protein G(I)/G(S)/G(O) subunit gamma-2'
4 polymer 'ScFv16 Antibody Fragment'
5 polymer 'Hydroxycarboxylic acid receptor 2'
6 non-polymer 8-chloranyl-3-pentyl-7H-purine-2,6-dione
#
loop_
_entity_poly.entity_id
_entity_poly.type
_entity_poly.pdbx_seq_one_letter_code
_entity_poly.pdbx_strand_id
1 'polypeptide(L)'
;MGHHHHHHENLYFQGTLSAEERAALERSKAIEKNLKEDGISAAKDVKLLLLGADNSGKSTIVKQMKIIHGGSGGSGGTTG
IVETHFTFKNLHFRLFDVGGQRSERKKWIHCFEDVTAIIFCVDLSDYNRMHESLMLFDSICNNKFFIDTSIILFLNKKDL
FGEKIKKSPLTICFPEYTGPNTYEDAAAYIQAQFESKNRSPNKEIYCHMTCATDTNNAQVIFDAVTDIIIANNLRGCGLY
;
B
2 'polypeptide(L)'
;MHHHHHHGSSGSELDQLRQEAEQLKNQIRDARKACADATLSQITNNIDPVGRIQMRTRRTLRGHLAKIYAMHWGTDSRLL
VSASQDGKLIIWDSYTTNKVHAIPLRSSWVMTCAYAPSGNYVACGGLDNICSIYNLKTREGNVRVSRELAGHTGYLSCCR
FLDDNQIVTSSGDTTCALWDIETGQQTTTFTGHTGDVMSLSLAPDTRLFVSGACDASAKLWDVREGMCRQTFTGHESDIN
AICFFPNGNAFATGSDDATCRLFDLRADQELMTYSHDNIICGITSVSFSKSGRLLLAGYDDFNCNVWDALKADRAGVLAG
HDNRVSCLGVTDDGMAVATGSWDSFLKIWN
;
C
3 'polypeptide(L)' MASNNTASIAQARKLVEQLKMEANIDRIKVSKAAADLMAYCEAHAKEDPLLTPVPASENPFREKKFFCAIL G
4 'polypeptide(L)'
;DVQLVESGGGLVQPGGSRKLSCSASGFAFSSFGMHWVRQAPEKGLEWVAYISSGSGTIYYADTVKGRFTISRDDPKNTLF
LQMTSLRSEDTAMYYCVRSIYYYGSSPFDFWGQGTTLTVSSGGGGSGGGGSGGGGSDIVMTQATSSVPVTPGESVSISCR
SSKSLLHSNGNTYLYWFLQRPGQSPQLLIYRMSNLASGVPDRFSGSGSGTAFTLTISRLEAEDVGVYYCMQHLEYPLTFG
AGTKLELK
;
H
5 'polypeptide(L)'
;MGKTIIALSYIFCLVFADYKDDDDAANFTPVNGSSGNQSVRLVTSSSLEVLFQGPGSNRHHLQDHFLEIDKKNCCVFRDD
FIVKVLPPVLGLEFIFGLLGNGLALWIFCFHLKSWKSSRIFLFNLAVADFLLIICLPFLMDNYVRRWDWKFGDIPCRLML
FMLAMNRQGSIIFLTVVAVDRYFRVVHPHHALNKISNRTAAIISCLLWGITIGLTVHLLKKKMPIQNGGANLCSSFSICH
TFQWHEAMFLLEFFLPLGIILFCSARIIWSLRQRQMDRHAKIKRAITFIMVVAIVFVICFLPSVVVRIRIFWLLHTSGTQ
NCEVYRSVDLAFFITLSFTYMNSMLDPVVYYFSSPSFPNFFSTLINRCLQRKMTGEPDNNRSTSVELTGDPNKTRGAPEA
LMANSGEPWSPSYLGPTSP
;
R
#
loop_
_chem_comp.id
_chem_comp.type
_chem_comp.name
_chem_comp.formula
OKL non-polymer 8-chloranyl-3-pentyl-7H-purine-2,6-dione 'C10 H13 Cl N4 O2'
#
# COMPACT_ATOMS: atom_id res chain seq x y z
N SER A 18 3.87 2.90 -26.91
CA SER A 18 4.82 2.53 -27.95
C SER A 18 4.35 1.31 -28.72
N ALA A 19 3.15 0.84 -28.41
CA ALA A 19 2.59 -0.33 -29.07
C ALA A 19 3.19 -1.63 -28.55
N GLU A 20 4.27 -1.52 -27.78
CA GLU A 20 4.67 -2.59 -26.87
C GLU A 20 4.40 -2.18 -25.44
N GLU A 21 4.86 -0.99 -25.06
CA GLU A 21 4.67 -0.48 -23.71
C GLU A 21 3.19 -0.30 -23.37
N ARG A 22 2.34 -0.04 -24.37
CA ARG A 22 0.92 0.13 -24.10
C ARG A 22 0.29 -1.18 -23.65
N ALA A 23 0.74 -2.31 -24.18
CA ALA A 23 0.24 -3.60 -23.70
C ALA A 23 0.73 -3.89 -22.28
N ALA A 24 1.96 -3.49 -21.94
CA ALA A 24 2.42 -3.61 -20.56
C ALA A 24 1.61 -2.73 -19.62
N LEU A 25 1.21 -1.55 -20.09
CA LEU A 25 0.34 -0.68 -19.30
C LEU A 25 -1.01 -1.33 -19.06
N GLU A 26 -1.56 -1.97 -20.11
CA GLU A 26 -2.79 -2.73 -19.94
C GLU A 26 -2.62 -3.85 -18.92
N ARG A 27 -1.48 -4.55 -18.96
CA ARG A 27 -1.21 -5.60 -17.98
C ARG A 27 -1.16 -5.04 -16.57
N SER A 28 -0.51 -3.89 -16.38
CA SER A 28 -0.45 -3.27 -15.07
C SER A 28 -1.84 -2.89 -14.58
N LYS A 29 -2.75 -2.51 -15.44
CA LYS A 29 -4.06 -2.08 -14.92
C LYS A 29 -4.96 -3.29 -14.76
N ALA A 30 -4.66 -4.39 -15.41
CA ALA A 30 -5.37 -5.62 -15.10
C ALA A 30 -4.96 -6.18 -13.75
N ILE A 31 -3.66 -6.21 -13.46
CA ILE A 31 -3.25 -6.80 -12.19
C ILE A 31 -3.51 -5.83 -11.03
N GLU A 32 -3.54 -4.52 -11.28
CA GLU A 32 -3.99 -3.59 -10.25
C GLU A 32 -5.45 -3.83 -9.90
N LYS A 33 -6.29 -4.04 -10.91
CA LYS A 33 -7.68 -4.37 -10.67
C LYS A 33 -7.81 -5.67 -9.88
N ASN A 34 -6.99 -6.67 -10.22
CA ASN A 34 -7.05 -7.92 -9.48
C ASN A 34 -6.63 -7.74 -8.03
N LEU A 35 -5.60 -6.92 -7.77
CA LEU A 35 -5.20 -6.61 -6.40
C LEU A 35 -6.36 -5.95 -5.64
N LYS A 36 -7.02 -4.97 -6.26
CA LYS A 36 -8.13 -4.30 -5.59
C LYS A 36 -9.27 -5.27 -5.30
N GLU A 37 -9.60 -6.14 -6.25
CA GLU A 37 -10.67 -7.11 -6.02
C GLU A 37 -10.32 -8.07 -4.89
N ASP A 38 -9.06 -8.52 -4.83
CA ASP A 38 -8.65 -9.40 -3.73
C ASP A 38 -8.70 -8.67 -2.40
N GLY A 39 -8.33 -7.39 -2.38
CA GLY A 39 -8.45 -6.61 -1.16
C GLY A 39 -9.87 -6.46 -0.70
N ILE A 40 -10.79 -6.22 -1.64
CA ILE A 40 -12.21 -6.14 -1.31
C ILE A 40 -12.70 -7.46 -0.74
N SER A 41 -12.26 -8.58 -1.32
CA SER A 41 -12.65 -9.88 -0.79
C SER A 41 -12.08 -10.12 0.61
N ALA A 42 -10.85 -9.67 0.84
CA ALA A 42 -10.21 -9.90 2.13
C ALA A 42 -10.77 -9.01 3.23
N ALA A 43 -11.32 -7.85 2.86
CA ALA A 43 -11.79 -6.88 3.85
C ALA A 43 -12.94 -7.42 4.69
N LYS A 44 -13.61 -8.48 4.24
CA LYS A 44 -14.74 -9.02 4.99
C LYS A 44 -14.31 -9.87 6.18
N ASP A 45 -13.05 -10.29 6.24
CA ASP A 45 -12.56 -11.13 7.32
C ASP A 45 -12.20 -10.31 8.55
N VAL A 46 -12.26 -10.96 9.71
CA VAL A 46 -11.86 -10.37 10.99
C VAL A 46 -10.71 -11.19 11.55
N LYS A 47 -9.58 -10.53 11.80
CA LYS A 47 -8.37 -11.19 12.27
C LYS A 47 -8.24 -11.05 13.78
N LEU A 48 -8.18 -12.18 14.48
CA LEU A 48 -7.97 -12.21 15.92
C LEU A 48 -6.71 -12.98 16.26
N LEU A 49 -5.86 -12.39 17.08
CA LEU A 49 -4.76 -13.14 17.66
C LEU A 49 -5.28 -14.01 18.81
N LEU A 50 -4.72 -15.20 18.94
CA LEU A 50 -5.14 -16.14 19.97
C LEU A 50 -3.91 -16.56 20.77
N LEU A 51 -4.01 -16.48 22.10
CA LEU A 51 -2.89 -16.70 22.98
C LEU A 51 -3.31 -17.56 24.16
N GLY A 52 -2.32 -18.10 24.86
CA GLY A 52 -2.57 -18.87 26.06
C GLY A 52 -1.37 -19.70 26.44
N ALA A 53 -1.40 -20.21 27.67
CA ALA A 53 -0.34 -21.09 28.14
C ALA A 53 -0.45 -22.46 27.49
N ASP A 54 0.57 -23.29 27.70
CA ASP A 54 0.60 -24.62 27.11
C ASP A 54 -0.60 -25.44 27.58
N ASN A 55 -1.29 -26.05 26.61
CA ASN A 55 -2.44 -26.93 26.88
C ASN A 55 -3.54 -26.22 27.66
N SER A 56 -3.54 -24.89 27.65
CA SER A 56 -4.43 -24.12 28.53
C SER A 56 -5.66 -23.61 27.76
N GLY A 57 -6.57 -24.54 27.49
CA GLY A 57 -7.89 -24.21 27.03
C GLY A 57 -8.03 -23.84 25.57
N LYS A 58 -6.94 -23.42 24.92
CA LYS A 58 -7.02 -23.04 23.51
C LYS A 58 -7.61 -24.14 22.66
N SER A 59 -7.16 -25.38 22.88
CA SER A 59 -7.60 -26.51 22.08
C SER A 59 -9.09 -26.77 22.21
N THR A 60 -9.70 -26.47 23.36
CA THR A 60 -11.12 -26.76 23.52
C THR A 60 -11.98 -25.80 22.70
N ILE A 61 -11.76 -24.50 22.86
CA ILE A 61 -12.54 -23.53 22.09
C ILE A 61 -12.23 -23.67 20.61
N THR A 79 3.85 -26.25 11.97
CA THR A 79 5.04 -26.05 12.79
C THR A 79 5.25 -24.58 13.11
N GLY A 80 4.85 -23.71 12.18
CA GLY A 80 4.93 -22.27 12.40
C GLY A 80 3.64 -21.71 12.94
N ILE A 81 3.17 -20.61 12.33
CA ILE A 81 1.90 -20.03 12.72
C ILE A 81 0.77 -20.99 12.37
N VAL A 82 -0.14 -21.20 13.33
CA VAL A 82 -1.25 -22.14 13.17
C VAL A 82 -2.50 -21.30 12.90
N GLU A 83 -2.79 -21.06 11.63
CA GLU A 83 -4.01 -20.35 11.27
C GLU A 83 -5.21 -21.27 11.33
N THR A 84 -6.32 -20.77 11.87
CA THR A 84 -7.59 -21.46 11.85
C THR A 84 -8.70 -20.43 11.69
N HIS A 85 -9.77 -20.80 11.00
CA HIS A 85 -10.81 -19.84 10.65
C HIS A 85 -12.18 -20.51 10.63
N PHE A 86 -13.21 -19.69 10.84
CA PHE A 86 -14.59 -20.15 10.87
C PHE A 86 -15.49 -19.00 10.45
N THR A 87 -16.76 -19.30 10.21
CA THR A 87 -17.75 -18.27 9.87
C THR A 87 -18.90 -18.29 10.85
N PHE A 88 -19.40 -17.09 11.17
CA PHE A 88 -20.55 -16.93 12.06
C PHE A 88 -21.21 -15.59 11.76
N LYS A 89 -22.54 -15.61 11.55
CA LYS A 89 -23.31 -14.43 11.15
C LYS A 89 -22.60 -13.66 10.04
N ASN A 90 -22.32 -14.38 8.95
CA ASN A 90 -21.73 -13.94 7.68
C ASN A 90 -20.39 -13.21 7.86
N LEU A 91 -19.83 -13.20 9.06
CA LEU A 91 -18.45 -12.78 9.26
C LEU A 91 -17.51 -13.97 9.06
N HIS A 92 -16.22 -13.73 8.74
CA HIS A 92 -15.25 -14.83 8.44
C HIS A 92 -14.08 -14.74 9.37
N PHE A 93 -14.21 -15.06 10.62
CA PHE A 93 -13.21 -14.89 11.67
C PHE A 93 -11.99 -15.74 11.39
N ARG A 94 -10.80 -15.14 11.49
CA ARG A 94 -9.53 -15.86 11.36
C ARG A 94 -8.78 -15.77 12.68
N LEU A 95 -8.46 -16.93 13.26
CA LEU A 95 -7.76 -17.03 14.52
C LEU A 95 -6.34 -17.51 14.28
N PHE A 96 -5.35 -16.78 14.82
CA PHE A 96 -3.94 -17.14 14.69
C PHE A 96 -3.43 -17.65 16.03
N ASP A 97 -3.13 -18.94 16.09
CA ASP A 97 -2.46 -19.52 17.26
C ASP A 97 -0.96 -19.46 17.00
N VAL A 98 -0.29 -18.46 17.57
CA VAL A 98 1.11 -18.19 17.26
C VAL A 98 2.07 -18.83 18.27
N GLY A 99 1.58 -19.70 19.15
CA GLY A 99 2.41 -20.25 20.21
C GLY A 99 3.56 -21.12 19.73
N GLY A 100 3.59 -21.48 18.45
CA GLY A 100 4.67 -22.32 17.93
C GLY A 100 5.98 -21.61 17.76
N GLN A 101 5.98 -20.27 17.78
CA GLN A 101 7.18 -19.48 17.55
C GLN A 101 8.11 -19.56 18.77
N ARG A 102 9.19 -20.33 18.64
CA ARG A 102 10.22 -20.38 19.67
C ARG A 102 11.19 -19.22 19.46
N SER A 103 10.71 -18.02 19.78
CA SER A 103 11.48 -16.80 19.59
C SER A 103 10.90 -15.71 20.47
N GLU A 104 11.66 -14.63 20.61
CA GLU A 104 11.21 -13.50 21.41
C GLU A 104 9.95 -12.88 20.77
N ARG A 105 8.92 -12.67 21.60
CA ARG A 105 7.71 -12.02 21.12
C ARG A 105 8.01 -10.69 20.44
N LYS A 106 8.94 -9.93 21.03
CA LYS A 106 9.19 -8.56 20.58
C LYS A 106 9.54 -8.46 19.09
N LYS A 107 10.03 -9.55 18.54
CA LYS A 107 10.60 -9.37 17.19
C LYS A 107 9.56 -9.64 16.12
N TRP A 108 8.53 -10.37 16.46
CA TRP A 108 7.51 -10.69 15.47
C TRP A 108 6.11 -10.26 15.85
N ILE A 109 5.86 -9.86 17.10
CA ILE A 109 4.52 -9.46 17.52
C ILE A 109 4.03 -8.23 16.77
N HIS A 110 4.95 -7.43 16.23
CA HIS A 110 4.54 -6.23 15.48
C HIS A 110 3.78 -6.58 14.21
N CYS A 111 3.86 -7.83 13.74
CA CYS A 111 3.05 -8.23 12.59
C CYS A 111 1.56 -8.12 12.90
N PHE A 112 1.17 -8.47 14.13
CA PHE A 112 -0.23 -8.48 14.54
C PHE A 112 -0.72 -7.14 15.06
N GLU A 113 -0.03 -6.05 14.73
CA GLU A 113 -0.47 -4.73 15.17
C GLU A 113 -1.87 -4.40 14.70
N ASP A 114 -2.32 -5.02 13.60
CA ASP A 114 -3.60 -4.69 12.98
C ASP A 114 -4.73 -5.66 13.34
N VAL A 115 -4.51 -6.57 14.30
CA VAL A 115 -5.58 -7.49 14.69
C VAL A 115 -6.71 -6.73 15.36
N THR A 116 -7.93 -7.25 15.19
CA THR A 116 -9.10 -6.61 15.79
C THR A 116 -9.14 -6.82 17.31
N ALA A 117 -8.83 -8.03 17.77
CA ALA A 117 -8.85 -8.31 19.21
C ALA A 117 -7.89 -9.45 19.49
N ILE A 118 -7.51 -9.57 20.77
CA ILE A 118 -6.64 -10.64 21.24
C ILE A 118 -7.46 -11.56 22.12
N ILE A 119 -7.62 -12.81 21.71
CA ILE A 119 -8.29 -13.80 22.54
C ILE A 119 -7.25 -14.43 23.46
N PHE A 120 -7.41 -14.21 24.76
CA PHE A 120 -6.49 -14.73 25.76
C PHE A 120 -7.22 -15.82 26.55
N CYS A 121 -6.58 -16.97 26.69
CA CYS A 121 -7.18 -18.10 27.36
C CYS A 121 -6.39 -18.45 28.62
N VAL A 122 -7.10 -18.95 29.63
CA VAL A 122 -6.50 -19.36 30.89
C VAL A 122 -7.08 -20.71 31.28
N ASP A 123 -6.20 -21.62 31.73
CA ASP A 123 -6.61 -22.90 32.29
C ASP A 123 -6.91 -22.69 33.78
N LEU A 124 -8.19 -22.36 34.06
CA LEU A 124 -8.60 -22.05 35.42
C LEU A 124 -8.38 -23.23 36.36
N SER A 125 -8.42 -24.46 35.84
CA SER A 125 -8.22 -25.64 36.68
C SER A 125 -6.81 -25.73 37.26
N ASP A 126 -5.85 -24.98 36.72
CA ASP A 126 -4.49 -25.02 37.22
C ASP A 126 -4.39 -24.39 38.62
N HIS A 131 -3.23 -20.64 35.95
CA HIS A 131 -3.23 -19.44 36.79
C HIS A 131 -1.82 -18.87 36.93
N GLU A 132 -0.88 -19.45 36.18
CA GLU A 132 0.50 -18.95 36.14
C GLU A 132 0.72 -17.91 35.03
N SER A 133 -0.28 -17.67 34.18
CA SER A 133 -0.12 -16.86 32.99
C SER A 133 -0.17 -15.36 33.25
N LEU A 134 -0.31 -14.91 34.50
CA LEU A 134 -0.51 -13.49 34.77
C LEU A 134 0.65 -12.63 34.25
N MET A 135 1.87 -13.14 34.32
CA MET A 135 3.00 -12.38 33.79
C MET A 135 2.90 -12.21 32.28
N LEU A 136 2.51 -13.27 31.57
CA LEU A 136 2.30 -13.17 30.14
C LEU A 136 1.22 -12.16 29.80
N PHE A 137 0.12 -12.18 30.57
CA PHE A 137 -0.95 -11.21 30.33
C PHE A 137 -0.45 -9.79 30.59
N ASP A 138 0.34 -9.59 31.65
CA ASP A 138 0.90 -8.27 31.92
C ASP A 138 1.75 -7.81 30.76
N SER A 139 2.61 -8.69 30.24
CA SER A 139 3.47 -8.32 29.12
C SER A 139 2.67 -8.01 27.86
N ILE A 140 1.64 -8.80 27.56
CA ILE A 140 0.96 -8.66 26.28
C ILE A 140 -0.05 -7.51 26.32
N CYS A 141 -0.61 -7.21 27.50
CA CYS A 141 -1.62 -6.16 27.59
C CYS A 141 -0.99 -4.78 27.41
N ASN A 142 0.21 -4.57 27.95
CA ASN A 142 0.90 -3.28 27.86
C ASN A 142 2.04 -3.30 26.86
N ASN A 143 2.05 -4.24 25.93
CA ASN A 143 3.02 -4.19 24.84
C ASN A 143 2.81 -2.94 24.02
N LYS A 144 3.91 -2.38 23.50
CA LYS A 144 3.87 -1.08 22.83
C LYS A 144 2.85 -1.04 21.70
N PHE A 145 2.61 -2.18 21.03
CA PHE A 145 1.72 -2.21 19.88
C PHE A 145 0.27 -2.46 20.23
N PHE A 146 -0.03 -2.95 21.44
CA PHE A 146 -1.37 -3.41 21.79
C PHE A 146 -2.08 -2.53 22.81
N ILE A 147 -1.58 -1.32 23.07
CA ILE A 147 -2.26 -0.44 24.01
C ILE A 147 -3.63 -0.02 23.51
N ASP A 148 -3.91 -0.17 22.21
CA ASP A 148 -5.19 0.21 21.64
C ASP A 148 -6.05 -0.98 21.23
N THR A 149 -5.58 -2.21 21.43
CA THR A 149 -6.32 -3.41 21.01
C THR A 149 -6.88 -4.10 22.24
N SER A 150 -8.20 -4.25 22.29
CA SER A 150 -8.86 -4.87 23.42
C SER A 150 -8.63 -6.37 23.45
N ILE A 151 -8.61 -6.93 24.66
CA ILE A 151 -8.39 -8.36 24.88
C ILE A 151 -9.70 -9.01 25.29
N ILE A 152 -9.98 -10.18 24.71
CA ILE A 152 -11.07 -11.04 25.14
C ILE A 152 -10.45 -12.18 25.94
N LEU A 153 -11.00 -12.45 27.12
CA LEU A 153 -10.32 -13.28 28.12
C LEU A 153 -11.23 -14.43 28.54
N PHE A 154 -10.98 -15.62 27.99
CA PHE A 154 -11.76 -16.82 28.33
C PHE A 154 -11.10 -17.57 29.48
N LEU A 155 -11.70 -17.47 30.67
CA LEU A 155 -11.40 -18.43 31.73
C LEU A 155 -12.05 -19.76 31.37
N ASN A 156 -11.24 -20.81 31.29
CA ASN A 156 -11.66 -22.08 30.71
C ASN A 156 -11.48 -23.19 31.72
N LYS A 157 -12.21 -24.29 31.51
CA LYS A 157 -12.26 -25.42 32.44
C LYS A 157 -12.77 -24.99 33.81
N LYS A 158 -13.85 -24.19 33.81
CA LYS A 158 -14.40 -23.68 35.06
C LYS A 158 -14.97 -24.79 35.94
N ASP A 159 -15.53 -25.85 35.33
CA ASP A 159 -16.09 -26.94 36.11
C ASP A 159 -15.01 -27.67 36.90
N LEU A 160 -13.86 -27.94 36.26
CA LEU A 160 -12.75 -28.56 36.97
C LEU A 160 -12.27 -27.68 38.12
N PHE A 161 -12.27 -26.36 37.92
CA PHE A 161 -11.93 -25.44 39.00
C PHE A 161 -12.92 -25.53 40.14
N GLY A 162 -14.21 -25.58 39.84
CA GLY A 162 -15.22 -25.72 40.88
C GLY A 162 -15.07 -27.00 41.68
N GLU A 163 -14.77 -28.11 40.99
CA GLU A 163 -14.56 -29.36 41.69
C GLU A 163 -13.26 -29.33 42.50
N LYS A 164 -12.28 -28.59 42.02
CA LYS A 164 -10.97 -28.54 42.73
C LYS A 164 -11.12 -27.69 43.99
N ILE A 165 -11.98 -26.68 43.93
CA ILE A 165 -12.23 -25.86 45.11
C ILE A 165 -12.75 -26.71 46.27
N LYS A 166 -13.47 -27.79 45.96
CA LYS A 166 -13.93 -28.71 47.01
C LYS A 166 -12.80 -29.55 47.58
N LYS A 167 -11.60 -29.47 47.01
CA LYS A 167 -10.47 -30.26 47.49
C LYS A 167 -9.22 -29.44 47.79
N SER A 168 -9.07 -28.25 47.24
CA SER A 168 -7.92 -27.41 47.50
C SER A 168 -8.36 -25.95 47.61
N PRO A 169 -7.85 -25.21 48.59
CA PRO A 169 -8.17 -23.78 48.68
C PRO A 169 -7.49 -22.99 47.58
N LEU A 170 -8.11 -21.85 47.22
CA LEU A 170 -7.50 -20.95 46.24
C LEU A 170 -6.18 -20.38 46.72
N THR A 171 -5.91 -20.44 48.04
CA THR A 171 -4.65 -19.96 48.59
C THR A 171 -3.45 -20.69 47.98
N ILE A 172 -3.65 -21.95 47.56
CA ILE A 172 -2.54 -22.71 46.99
C ILE A 172 -2.04 -22.05 45.70
N CYS A 173 -2.92 -21.56 44.83
CA CYS A 173 -2.34 -20.90 43.61
C CYS A 173 -2.27 -19.39 43.83
N PHE A 174 -2.89 -18.89 44.89
CA PHE A 174 -2.72 -17.47 45.22
C PHE A 174 -2.63 -17.31 46.72
N PRO A 175 -1.42 -17.36 47.29
CA PRO A 175 -1.28 -17.21 48.74
C PRO A 175 -1.81 -15.90 49.29
N GLU A 176 -1.88 -14.85 48.47
CA GLU A 176 -2.36 -13.55 48.94
C GLU A 176 -3.87 -13.54 49.13
N TYR A 177 -4.58 -14.56 48.66
CA TYR A 177 -6.04 -14.55 48.71
C TYR A 177 -6.54 -14.43 50.15
N THR A 178 -7.60 -13.62 50.32
CA THR A 178 -8.22 -13.37 51.61
C THR A 178 -9.74 -13.41 51.40
N GLY A 179 -10.32 -14.59 51.61
CA GLY A 179 -11.74 -14.77 51.42
C GLY A 179 -12.18 -16.21 51.60
N PRO A 180 -13.47 -16.46 51.48
CA PRO A 180 -13.99 -17.82 51.65
C PRO A 180 -13.64 -18.71 50.47
N ASN A 181 -13.62 -20.01 50.73
CA ASN A 181 -13.33 -21.01 49.71
C ASN A 181 -14.66 -21.42 49.07
N THR A 182 -14.98 -20.78 47.96
CA THR A 182 -16.17 -21.11 47.17
C THR A 182 -15.93 -20.71 45.72
N TYR A 183 -16.65 -21.39 44.82
CA TYR A 183 -16.44 -21.19 43.38
C TYR A 183 -16.65 -19.73 42.99
N GLU A 184 -17.77 -19.14 43.37
CA GLU A 184 -18.14 -17.83 42.85
C GLU A 184 -17.13 -16.76 43.27
N ASP A 185 -16.75 -16.76 44.56
CA ASP A 185 -15.84 -15.73 45.06
C ASP A 185 -14.44 -15.91 44.49
N ALA A 186 -13.95 -17.15 44.40
CA ALA A 186 -12.63 -17.38 43.84
C ALA A 186 -12.59 -17.01 42.36
N ALA A 187 -13.64 -17.36 41.61
CA ALA A 187 -13.72 -17.00 40.20
C ALA A 187 -13.73 -15.49 40.02
N ALA A 188 -14.54 -14.79 40.83
CA ALA A 188 -14.55 -13.33 40.76
C ALA A 188 -13.20 -12.74 41.12
N TYR A 189 -12.53 -13.33 42.11
CA TYR A 189 -11.21 -12.86 42.51
C TYR A 189 -10.22 -12.96 41.36
N ILE A 190 -10.10 -14.13 40.75
CA ILE A 190 -9.10 -14.29 39.70
C ILE A 190 -9.50 -13.48 38.46
N GLN A 191 -10.80 -13.33 38.21
CA GLN A 191 -11.27 -12.48 37.12
C GLN A 191 -10.79 -11.04 37.32
N ALA A 192 -11.06 -10.47 38.50
CA ALA A 192 -10.59 -9.11 38.79
C ALA A 192 -9.07 -9.05 38.80
N GLN A 193 -8.40 -10.14 39.19
CA GLN A 193 -6.94 -10.16 39.22
C GLN A 193 -6.37 -10.07 37.82
N PHE A 194 -6.97 -10.75 36.85
CA PHE A 194 -6.54 -10.61 35.46
C PHE A 194 -6.84 -9.23 34.93
N GLU A 195 -8.06 -8.72 35.16
CA GLU A 195 -8.37 -7.39 34.64
C GLU A 195 -7.53 -6.30 35.30
N SER A 196 -7.04 -6.53 36.52
CA SER A 196 -6.24 -5.53 37.22
C SER A 196 -4.89 -5.29 36.56
N LYS A 197 -4.51 -6.15 35.62
CA LYS A 197 -3.23 -5.99 34.95
C LYS A 197 -3.23 -4.86 33.92
N ASN A 198 -4.40 -4.47 33.43
CA ASN A 198 -4.48 -3.38 32.46
C ASN A 198 -4.18 -2.06 33.17
N ARG A 199 -3.55 -1.16 32.42
CA ARG A 199 -3.25 0.17 32.94
C ARG A 199 -3.75 1.26 31.99
N SER A 200 -3.68 1.00 30.69
CA SER A 200 -4.13 1.98 29.71
C SER A 200 -5.65 2.05 29.66
N PRO A 201 -6.26 3.23 29.80
CA PRO A 201 -7.72 3.33 29.66
C PRO A 201 -8.22 3.14 28.23
N ASN A 202 -7.33 3.11 27.24
CA ASN A 202 -7.72 3.05 25.84
C ASN A 202 -8.25 1.69 25.41
N LYS A 203 -8.33 0.70 26.30
CA LYS A 203 -8.71 -0.65 25.94
C LYS A 203 -9.59 -1.25 27.01
N GLU A 204 -10.33 -2.30 26.64
CA GLU A 204 -11.24 -3.02 27.52
C GLU A 204 -10.89 -4.50 27.52
N ILE A 205 -11.13 -5.17 28.65
CA ILE A 205 -10.97 -6.61 28.78
C ILE A 205 -12.35 -7.22 28.95
N TYR A 206 -12.77 -8.04 27.97
CA TYR A 206 -14.07 -8.72 28.00
C TYR A 206 -13.89 -10.13 28.56
N CYS A 207 -13.78 -10.21 29.89
CA CYS A 207 -13.65 -11.52 30.52
C CYS A 207 -14.91 -12.34 30.32
N HIS A 208 -14.73 -13.66 30.25
CA HIS A 208 -15.85 -14.58 30.10
C HIS A 208 -15.44 -15.94 30.64
N MET A 209 -16.44 -16.79 30.85
CA MET A 209 -16.25 -18.12 31.42
C MET A 209 -16.88 -19.16 30.51
N THR A 210 -16.15 -20.26 30.30
CA THR A 210 -16.61 -21.35 29.46
C THR A 210 -16.29 -22.68 30.13
N CYS A 211 -17.19 -23.65 30.00
CA CYS A 211 -16.99 -24.99 30.53
C CYS A 211 -16.53 -25.97 29.46
N ALA A 212 -16.16 -25.48 28.28
CA ALA A 212 -15.64 -26.29 27.17
C ALA A 212 -16.62 -27.41 26.78
N THR A 213 -17.92 -27.16 26.98
CA THR A 213 -18.94 -28.11 26.57
C THR A 213 -20.15 -27.40 25.96
N ASP A 214 -19.96 -26.22 25.36
CA ASP A 214 -21.07 -25.43 24.86
C ASP A 214 -20.68 -24.74 23.56
N THR A 215 -21.69 -24.44 22.75
CA THR A 215 -21.51 -23.71 21.49
C THR A 215 -21.59 -22.20 21.65
N ASN A 216 -21.77 -21.70 22.88
CA ASN A 216 -21.95 -20.27 23.11
C ASN A 216 -20.69 -19.46 22.79
N ASN A 217 -19.55 -20.12 22.60
CA ASN A 217 -18.30 -19.40 22.37
C ASN A 217 -18.38 -18.50 21.14
N ALA A 218 -18.93 -19.02 20.04
CA ALA A 218 -19.02 -18.24 18.81
C ALA A 218 -19.89 -17.01 19.00
N GLN A 219 -21.02 -17.16 19.68
CA GLN A 219 -21.88 -16.00 19.95
C GLN A 219 -21.18 -14.97 20.83
N VAL A 220 -20.48 -15.44 21.86
CA VAL A 220 -19.79 -14.51 22.76
C VAL A 220 -18.74 -13.72 22.00
N ILE A 221 -17.93 -14.40 21.19
CA ILE A 221 -16.91 -13.71 20.41
C ILE A 221 -17.56 -12.78 19.40
N PHE A 222 -18.66 -13.20 18.77
CA PHE A 222 -19.29 -12.36 17.77
C PHE A 222 -19.81 -11.06 18.37
N ASP A 223 -20.49 -11.13 19.51
CA ASP A 223 -21.03 -9.91 20.08
C ASP A 223 -19.95 -9.04 20.72
N ALA A 224 -18.91 -9.66 21.30
CA ALA A 224 -17.78 -8.87 21.79
C ALA A 224 -17.08 -8.13 20.65
N VAL A 225 -16.86 -8.83 19.53
CA VAL A 225 -16.24 -8.19 18.36
C VAL A 225 -17.15 -7.11 17.80
N THR A 226 -18.47 -7.32 17.85
CA THR A 226 -19.39 -6.28 17.39
C THR A 226 -19.26 -5.01 18.24
N ASP A 227 -19.17 -5.18 19.56
CA ASP A 227 -18.93 -4.01 20.43
C ASP A 227 -17.58 -3.38 20.12
N ILE A 228 -16.57 -4.20 19.84
CA ILE A 228 -15.24 -3.68 19.54
C ILE A 228 -15.26 -2.86 18.25
N ILE A 229 -15.95 -3.36 17.23
CA ILE A 229 -16.02 -2.66 15.95
C ILE A 229 -16.83 -1.38 16.10
N ILE A 230 -17.88 -1.39 16.92
CA ILE A 230 -18.63 -0.15 17.16
C ILE A 230 -17.73 0.88 17.85
N ALA A 231 -16.93 0.44 18.81
CA ALA A 231 -15.99 1.35 19.47
C ALA A 231 -15.00 1.92 18.47
N ASN A 232 -14.44 1.07 17.60
CA ASN A 232 -13.49 1.55 16.60
C ASN A 232 -14.14 2.53 15.63
N ASN A 233 -15.39 2.26 15.25
CA ASN A 233 -16.11 3.18 14.36
C ASN A 233 -16.34 4.52 15.02
N LEU A 234 -16.77 4.52 16.29
CA LEU A 234 -16.93 5.78 17.00
C LEU A 234 -15.61 6.52 17.15
N ARG A 235 -14.50 5.78 17.30
CA ARG A 235 -13.19 6.42 17.31
C ARG A 235 -12.91 7.07 15.96
N GLY A 236 -13.24 6.38 14.87
CA GLY A 236 -12.99 6.93 13.55
C GLY A 236 -13.77 8.20 13.27
N CYS A 237 -14.97 8.32 13.84
CA CYS A 237 -15.77 9.53 13.69
C CYS A 237 -15.28 10.69 14.55
N GLY A 238 -14.19 10.51 15.28
CA GLY A 238 -13.74 11.55 16.19
C GLY A 238 -14.66 11.76 17.37
N LEU A 239 -15.50 10.77 17.67
CA LEU A 239 -16.56 10.91 18.66
C LEU A 239 -16.32 10.08 19.92
N TYR A 240 -15.66 8.93 19.80
CA TYR A 240 -15.32 8.10 20.96
C TYR A 240 -14.22 8.71 21.81
N GLU B 13 36.32 -28.14 36.39
CA GLU B 13 36.73 -28.28 34.99
C GLU B 13 36.10 -27.21 34.11
N LEU B 14 34.77 -27.06 34.22
CA LEU B 14 34.07 -26.05 33.43
C LEU B 14 34.54 -24.65 33.78
N ASP B 15 34.83 -24.42 35.07
CA ASP B 15 35.28 -23.09 35.50
C ASP B 15 36.61 -22.71 34.86
N GLN B 16 37.49 -23.70 34.63
CA GLN B 16 38.74 -23.42 33.93
C GLN B 16 38.49 -22.96 32.50
N LEU B 17 37.57 -23.62 31.80
CA LEU B 17 37.22 -23.19 30.46
C LEU B 17 36.62 -21.79 30.45
N ARG B 18 35.74 -21.49 31.41
CA ARG B 18 35.16 -20.16 31.50
C ARG B 18 36.23 -19.11 31.76
N GLN B 19 37.18 -19.40 32.65
CA GLN B 19 38.27 -18.47 32.93
C GLN B 19 39.14 -18.27 31.70
N GLU B 20 39.41 -19.34 30.95
CA GLU B 20 40.20 -19.19 29.73
C GLU B 20 39.47 -18.37 28.68
N ALA B 21 38.15 -18.53 28.57
CA ALA B 21 37.37 -17.71 27.66
C ALA B 21 37.40 -16.24 28.07
N GLU B 22 37.33 -15.97 29.37
CA GLU B 22 37.44 -14.59 29.85
C GLU B 22 38.82 -14.02 29.53
N GLN B 23 39.87 -14.83 29.69
CA GLN B 23 41.22 -14.40 29.36
C GLN B 23 41.31 -14.08 27.87
N LEU B 24 40.72 -14.93 27.03
CA LEU B 24 40.72 -14.69 25.59
C LEU B 24 40.00 -13.39 25.24
N LYS B 25 38.84 -13.14 25.85
CA LYS B 25 38.12 -11.90 25.60
C LYS B 25 38.91 -10.68 26.08
N ASN B 26 39.61 -10.80 27.21
CA ASN B 26 40.48 -9.72 27.66
C ASN B 26 41.58 -9.45 26.65
N GLN B 27 42.16 -10.52 26.10
CA GLN B 27 43.18 -10.37 25.06
C GLN B 27 42.61 -9.69 23.83
N ILE B 28 41.38 -10.04 23.45
CA ILE B 28 40.70 -9.38 22.34
C ILE B 28 40.61 -7.88 22.60
N ARG B 29 40.13 -7.51 23.80
CA ARG B 29 39.99 -6.10 24.13
C ARG B 29 41.34 -5.38 24.08
N ASP B 30 42.38 -6.00 24.65
CA ASP B 30 43.70 -5.37 24.68
C ASP B 30 44.26 -5.18 23.28
N ALA B 31 44.16 -6.22 22.44
CA ALA B 31 44.67 -6.13 21.07
C ALA B 31 43.92 -5.10 20.25
N ARG B 32 42.58 -5.08 20.37
CA ARG B 32 41.78 -4.11 19.63
C ARG B 32 42.09 -2.69 20.08
N LYS B 33 42.26 -2.48 21.39
CA LYS B 33 42.57 -1.14 21.89
C LYS B 33 43.97 -0.70 21.48
N ALA B 34 44.92 -1.63 21.43
CA ALA B 34 46.28 -1.27 21.04
C ALA B 34 46.36 -0.77 19.60
N CYS B 35 45.52 -1.32 18.71
CA CYS B 35 45.53 -0.92 17.32
C CYS B 35 44.86 0.42 17.06
N ALA B 36 44.12 0.95 18.03
CA ALA B 36 43.36 2.19 17.84
C ALA B 36 44.25 3.42 17.98
N ASP B 37 45.19 3.55 17.04
CA ASP B 37 46.09 4.70 17.04
C ASP B 37 45.39 6.00 16.64
N ALA B 38 44.18 5.93 16.10
CA ALA B 38 43.44 7.13 15.72
C ALA B 38 41.97 6.75 15.58
N THR B 39 41.12 7.77 15.49
CA THR B 39 39.72 7.57 15.16
C THR B 39 39.46 8.00 13.72
N LEU B 40 38.28 7.64 13.23
CA LEU B 40 37.88 8.04 11.89
C LEU B 40 37.79 9.57 11.78
N SER B 41 37.22 10.22 12.78
CA SER B 41 37.07 11.68 12.74
C SER B 41 38.43 12.36 12.79
N GLN B 42 39.38 11.82 13.56
CA GLN B 42 40.68 12.45 13.68
C GLN B 42 41.41 12.52 12.34
N ILE B 43 41.12 11.58 11.44
CA ILE B 43 41.68 11.62 10.09
C ILE B 43 40.80 12.43 9.15
N THR B 44 39.48 12.29 9.27
CA THR B 44 38.55 12.90 8.32
C THR B 44 38.32 14.39 8.59
N ASN B 45 38.86 14.93 9.68
CA ASN B 45 38.70 16.35 9.97
C ASN B 45 39.25 17.26 8.88
N ASN B 46 40.16 16.75 8.03
CA ASN B 46 40.69 17.51 6.93
C ASN B 46 39.81 17.48 5.68
N ILE B 47 38.70 16.75 5.71
CA ILE B 47 37.84 16.54 4.56
C ILE B 47 36.61 17.44 4.66
N ASP B 48 36.26 18.10 3.55
CA ASP B 48 35.10 18.97 3.47
C ASP B 48 33.80 18.16 3.49
N PRO B 49 32.74 18.67 4.10
CA PRO B 49 31.48 17.93 4.16
C PRO B 49 30.75 17.94 2.83
N VAL B 50 29.80 17.01 2.70
CA VAL B 50 28.95 16.95 1.52
C VAL B 50 27.88 18.02 1.51
N GLY B 51 27.75 18.79 2.59
CA GLY B 51 26.75 19.83 2.64
C GLY B 51 25.34 19.27 2.76
N ARG B 52 24.38 20.06 2.30
CA ARG B 52 22.96 19.70 2.35
C ARG B 52 22.62 18.82 1.14
N ILE B 53 22.58 17.51 1.37
CA ILE B 53 22.20 16.57 0.31
C ILE B 53 20.69 16.38 0.33
N GLN B 54 19.97 17.31 -0.28
CA GLN B 54 18.52 17.22 -0.34
C GLN B 54 18.10 16.26 -1.45
N MET B 55 17.10 15.43 -1.18
CA MET B 55 16.58 14.48 -2.14
C MET B 55 15.05 14.52 -2.12
N ARG B 56 14.45 14.18 -3.25
CA ARG B 56 13.03 14.42 -3.47
C ARG B 56 12.35 13.19 -4.05
N THR B 57 11.05 13.08 -3.80
CA THR B 57 10.25 11.94 -4.22
C THR B 57 10.00 12.00 -5.73
N ARG B 58 10.59 11.07 -6.47
CA ARG B 58 10.37 11.03 -7.91
C ARG B 58 9.11 10.24 -8.28
N ARG B 59 8.88 9.10 -7.64
CA ARG B 59 7.75 8.24 -7.94
C ARG B 59 7.20 7.65 -6.65
N THR B 60 6.03 7.02 -6.77
CA THR B 60 5.39 6.39 -5.61
C THR B 60 4.60 5.19 -6.10
N LEU B 61 5.11 3.99 -5.82
CA LEU B 61 4.52 2.74 -6.30
C LEU B 61 3.38 2.33 -5.36
N ARG B 62 2.19 2.85 -5.65
CA ARG B 62 1.01 2.47 -4.87
C ARG B 62 0.47 1.12 -5.33
N GLY B 63 -0.19 0.40 -4.42
CA GLY B 63 -0.85 -0.84 -4.80
C GLY B 63 -0.86 -1.94 -3.76
N HIS B 64 0.03 -1.87 -2.76
CA HIS B 64 -0.05 -2.81 -1.66
C HIS B 64 -1.19 -2.46 -0.72
N LEU B 65 -1.84 -3.50 -0.19
CA LEU B 65 -3.01 -3.34 0.65
C LEU B 65 -2.68 -3.15 2.12
N ALA B 66 -1.46 -3.49 2.55
CA ALA B 66 -1.13 -3.49 3.96
C ALA B 66 0.34 -3.11 4.13
N LYS B 67 0.87 -3.36 5.32
CA LYS B 67 2.23 -2.93 5.66
C LYS B 67 3.26 -3.65 4.79
N ILE B 68 4.13 -2.87 4.16
CA ILE B 68 5.24 -3.42 3.38
C ILE B 68 6.38 -3.78 4.32
N TYR B 69 6.92 -5.00 4.19
CA TYR B 69 7.96 -5.48 5.08
C TYR B 69 9.31 -5.71 4.41
N ALA B 70 9.39 -5.68 3.09
CA ALA B 70 10.68 -5.83 2.44
C ALA B 70 10.62 -5.31 1.02
N MET B 71 11.80 -4.96 0.51
CA MET B 71 11.99 -4.58 -0.89
C MET B 71 13.42 -4.90 -1.29
N HIS B 72 13.61 -5.24 -2.57
CA HIS B 72 14.94 -5.52 -3.07
C HIS B 72 15.02 -5.13 -4.54
N TRP B 73 16.22 -4.79 -4.99
CA TRP B 73 16.45 -4.29 -6.34
C TRP B 73 17.07 -5.36 -7.22
N GLY B 74 16.55 -5.50 -8.44
CA GLY B 74 17.20 -6.36 -9.41
C GLY B 74 18.56 -5.82 -9.79
N THR B 75 19.43 -6.74 -10.23
CA THR B 75 20.78 -6.34 -10.60
C THR B 75 20.81 -5.41 -11.80
N ASP B 76 19.76 -5.41 -12.62
CA ASP B 76 19.67 -4.48 -13.73
C ASP B 76 19.29 -3.06 -13.29
N SER B 77 19.01 -2.87 -12.00
CA SER B 77 18.73 -1.58 -11.38
C SER B 77 17.42 -0.95 -11.85
N ARG B 78 16.51 -1.73 -12.44
CA ARG B 78 15.22 -1.20 -12.85
C ARG B 78 14.06 -1.89 -12.15
N LEU B 79 14.05 -3.22 -12.09
CA LEU B 79 12.97 -3.93 -11.42
C LEU B 79 13.19 -3.93 -9.90
N LEU B 80 12.09 -3.73 -9.17
CA LEU B 80 12.11 -3.81 -7.72
C LEU B 80 10.96 -4.71 -7.26
N VAL B 81 11.28 -5.66 -6.38
CA VAL B 81 10.28 -6.57 -5.82
C VAL B 81 9.94 -6.11 -4.41
N SER B 82 8.66 -6.02 -4.11
CA SER B 82 8.18 -5.60 -2.80
C SER B 82 7.30 -6.69 -2.21
N ALA B 83 7.40 -6.88 -0.89
CA ALA B 83 6.65 -7.90 -0.19
C ALA B 83 5.92 -7.27 0.99
N SER B 84 4.63 -7.59 1.14
CA SER B 84 3.81 -6.99 2.17
C SER B 84 2.92 -8.05 2.77
N GLN B 85 2.48 -7.82 3.99
CA GLN B 85 1.68 -8.81 4.70
C GLN B 85 0.25 -8.90 4.17
N ASP B 86 -0.06 -8.18 3.08
CA ASP B 86 -1.27 -8.43 2.32
C ASP B 86 -1.21 -9.74 1.56
N GLY B 87 -0.05 -10.37 1.47
CA GLY B 87 0.09 -11.65 0.82
C GLY B 87 0.47 -11.61 -0.63
N LYS B 88 0.96 -10.48 -1.13
CA LYS B 88 1.33 -10.34 -2.54
C LYS B 88 2.76 -9.84 -2.65
N LEU B 89 3.59 -10.59 -3.39
CA LEU B 89 4.93 -10.13 -3.77
C LEU B 89 4.84 -9.57 -5.19
N ILE B 90 4.88 -8.25 -5.31
CA ILE B 90 4.69 -7.56 -6.57
C ILE B 90 6.03 -7.06 -7.08
N ILE B 91 6.29 -7.25 -8.37
CA ILE B 91 7.52 -6.78 -9.00
C ILE B 91 7.19 -5.50 -9.76
N TRP B 92 7.95 -4.44 -9.49
CA TRP B 92 7.69 -3.11 -10.01
C TRP B 92 8.69 -2.77 -11.11
N ASP B 93 8.22 -2.15 -12.18
CA ASP B 93 9.11 -1.49 -13.14
C ASP B 93 9.30 -0.06 -12.64
N SER B 94 10.47 0.21 -12.06
CA SER B 94 10.68 1.47 -11.34
C SER B 94 10.73 2.68 -12.25
N TYR B 95 11.00 2.51 -13.55
CA TYR B 95 11.03 3.66 -14.45
C TYR B 95 9.65 4.07 -14.95
N THR B 96 8.64 3.21 -14.79
CA THR B 96 7.31 3.49 -15.30
C THR B 96 6.19 3.24 -14.30
N THR B 97 6.47 2.70 -13.11
CA THR B 97 5.51 2.38 -12.07
C THR B 97 4.63 1.20 -12.45
N ASN B 98 4.79 0.67 -13.67
CA ASN B 98 4.01 -0.48 -14.10
C ASN B 98 4.33 -1.68 -13.21
N LYS B 99 3.27 -2.36 -12.77
CA LYS B 99 3.42 -3.63 -12.07
C LYS B 99 3.61 -4.75 -13.09
N VAL B 100 4.65 -5.54 -12.92
CA VAL B 100 4.99 -6.59 -13.88
C VAL B 100 4.39 -7.94 -13.47
N HIS B 101 4.47 -8.29 -12.18
CA HIS B 101 3.89 -9.51 -11.66
C HIS B 101 3.26 -9.23 -10.31
N ALA B 102 2.25 -10.02 -9.97
CA ALA B 102 1.60 -9.99 -8.66
C ALA B 102 1.58 -11.43 -8.16
N ILE B 103 2.65 -11.82 -7.50
CA ILE B 103 2.85 -13.22 -7.11
C ILE B 103 2.06 -13.49 -5.84
N PRO B 104 1.15 -14.48 -5.84
CA PRO B 104 0.43 -14.82 -4.60
C PRO B 104 1.31 -15.67 -3.68
N LEU B 105 1.38 -15.28 -2.41
CA LEU B 105 2.16 -16.00 -1.42
C LEU B 105 1.33 -17.09 -0.77
N ARG B 106 1.99 -18.21 -0.43
CA ARG B 106 1.31 -19.30 0.25
C ARG B 106 0.85 -18.91 1.66
N SER B 107 1.47 -17.90 2.25
CA SER B 107 1.05 -17.38 3.55
C SER B 107 1.30 -15.89 3.57
N SER B 108 0.43 -15.16 4.25
CA SER B 108 0.48 -13.70 4.22
C SER B 108 1.59 -13.11 5.07
N TRP B 109 2.18 -13.88 5.98
CA TRP B 109 3.10 -13.33 6.97
C TRP B 109 4.54 -13.29 6.46
N VAL B 110 4.75 -12.61 5.33
CA VAL B 110 6.09 -12.44 4.78
C VAL B 110 6.88 -11.43 5.59
N MET B 111 8.18 -11.67 5.74
CA MET B 111 9.07 -10.72 6.40
C MET B 111 10.32 -10.38 5.61
N THR B 112 10.62 -11.07 4.51
CA THR B 112 11.79 -10.73 3.70
C THR B 112 11.58 -11.25 2.29
N CYS B 113 12.36 -10.68 1.37
CA CYS B 113 12.37 -11.10 -0.03
C CYS B 113 13.71 -10.72 -0.63
N ALA B 114 14.00 -11.32 -1.79
CA ALA B 114 15.25 -11.05 -2.49
C ALA B 114 15.05 -11.26 -3.98
N TYR B 115 15.74 -10.46 -4.77
CA TYR B 115 15.71 -10.57 -6.22
C TYR B 115 17.05 -11.14 -6.67
N ALA B 116 17.00 -12.24 -7.43
CA ALA B 116 18.22 -12.93 -7.81
C ALA B 116 19.08 -12.03 -8.72
N PRO B 117 20.40 -12.17 -8.67
CA PRO B 117 21.25 -11.33 -9.52
C PRO B 117 20.98 -11.49 -11.01
N SER B 118 20.59 -12.68 -11.45
CA SER B 118 20.23 -12.88 -12.84
C SER B 118 18.84 -12.36 -13.17
N GLY B 119 18.01 -12.09 -12.15
CA GLY B 119 16.64 -11.71 -12.36
C GLY B 119 15.69 -12.86 -12.58
N ASN B 120 16.17 -14.10 -12.60
CA ASN B 120 15.31 -15.24 -12.89
C ASN B 120 14.43 -15.62 -11.70
N TYR B 121 14.89 -15.41 -10.47
CA TYR B 121 14.23 -15.95 -9.30
C TYR B 121 13.94 -14.85 -8.28
N VAL B 122 12.86 -15.04 -7.52
CA VAL B 122 12.47 -14.16 -6.43
C VAL B 122 12.25 -15.02 -5.19
N ALA B 123 13.02 -14.76 -4.14
CA ALA B 123 12.87 -15.48 -2.88
C ALA B 123 11.87 -14.77 -1.97
N CYS B 124 11.28 -15.53 -1.06
CA CYS B 124 10.32 -14.97 -0.11
C CYS B 124 10.23 -15.87 1.11
N GLY B 125 10.10 -15.25 2.28
CA GLY B 125 10.00 -16.01 3.52
C GLY B 125 9.51 -15.14 4.66
N GLY B 126 9.15 -15.81 5.75
CA GLY B 126 8.61 -15.12 6.91
C GLY B 126 8.35 -16.03 8.08
N LEU B 127 7.25 -15.81 8.81
CA LEU B 127 6.92 -16.63 9.97
C LEU B 127 6.53 -18.06 9.57
N ASP B 128 6.52 -18.34 8.27
CA ASP B 128 6.28 -19.69 7.80
C ASP B 128 7.41 -20.63 8.15
N ASN B 129 8.57 -20.11 8.55
CA ASN B 129 9.81 -20.86 8.73
C ASN B 129 10.29 -21.48 7.42
N ILE B 130 9.70 -21.12 6.29
CA ILE B 130 10.00 -21.71 4.99
C ILE B 130 10.32 -20.59 4.01
N CYS B 131 11.37 -20.80 3.20
CA CYS B 131 11.80 -19.85 2.18
C CYS B 131 11.38 -20.38 0.82
N SER B 132 10.51 -19.63 0.15
CA SER B 132 9.96 -20.02 -1.15
C SER B 132 10.75 -19.37 -2.26
N ILE B 133 11.21 -20.16 -3.22
CA ILE B 133 11.99 -19.68 -4.35
C ILE B 133 11.08 -19.63 -5.57
N TYR B 134 10.51 -18.47 -5.86
CA TYR B 134 9.66 -18.32 -7.03
C TYR B 134 10.50 -18.24 -8.30
N ASN B 135 10.01 -18.86 -9.36
CA ASN B 135 10.67 -18.84 -10.66
C ASN B 135 9.87 -17.91 -11.59
N LEU B 136 10.54 -16.87 -12.11
CA LEU B 136 9.84 -15.87 -12.91
C LEU B 136 9.74 -16.24 -14.39
N LYS B 137 10.74 -16.90 -14.94
CA LYS B 137 10.84 -17.11 -16.39
C LYS B 137 10.25 -18.45 -16.83
N THR B 138 9.18 -18.91 -16.19
CA THR B 138 8.58 -20.19 -16.54
C THR B 138 8.07 -20.17 -17.97
N ARG B 139 8.18 -21.32 -18.65
CA ARG B 139 7.71 -21.45 -20.02
C ARG B 139 6.23 -21.15 -20.14
N GLU B 140 5.44 -21.52 -19.14
CA GLU B 140 3.99 -21.38 -19.19
C GLU B 140 3.50 -19.97 -18.93
N GLY B 141 4.40 -19.00 -18.72
CA GLY B 141 4.00 -17.63 -18.52
C GLY B 141 3.69 -17.25 -17.08
N ASN B 142 3.12 -18.19 -16.32
CA ASN B 142 2.85 -17.94 -14.91
C ASN B 142 4.13 -18.06 -14.09
N VAL B 143 4.11 -17.47 -12.90
CA VAL B 143 5.21 -17.53 -11.94
C VAL B 143 4.82 -18.52 -10.84
N ARG B 144 5.67 -19.50 -10.60
CA ARG B 144 5.33 -20.62 -9.73
C ARG B 144 6.49 -20.91 -8.77
N VAL B 145 6.15 -21.47 -7.61
CA VAL B 145 7.18 -21.86 -6.64
C VAL B 145 8.05 -22.94 -7.25
N SER B 146 9.36 -22.73 -7.22
CA SER B 146 10.27 -23.80 -7.60
C SER B 146 10.53 -24.73 -6.43
N ARG B 147 11.02 -24.19 -5.31
CA ARG B 147 11.28 -24.94 -4.10
C ARG B 147 10.62 -24.27 -2.91
N GLU B 148 10.27 -25.09 -1.92
CA GLU B 148 9.84 -24.61 -0.60
C GLU B 148 10.90 -25.07 0.40
N LEU B 149 11.90 -24.22 0.63
CA LEU B 149 13.02 -24.57 1.49
C LEU B 149 12.59 -24.54 2.96
N ALA B 150 12.80 -25.66 3.66
CA ALA B 150 12.34 -25.83 5.03
C ALA B 150 13.44 -26.48 5.86
N GLY B 151 13.43 -26.20 7.16
CA GLY B 151 14.42 -26.76 8.06
C GLY B 151 14.84 -25.87 9.22
N HIS B 152 14.56 -24.57 9.13
CA HIS B 152 14.76 -23.72 10.29
C HIS B 152 13.69 -23.98 11.36
N THR B 153 14.09 -23.84 12.62
CA THR B 153 13.17 -23.99 13.74
C THR B 153 12.47 -22.66 14.07
N GLY B 154 12.65 -21.64 13.25
CA GLY B 154 12.04 -20.36 13.51
C GLY B 154 11.93 -19.56 12.23
N TYR B 155 11.32 -18.38 12.36
CA TYR B 155 11.01 -17.57 11.20
C TYR B 155 12.28 -17.15 10.46
N LEU B 156 12.22 -17.23 9.13
CA LEU B 156 13.33 -16.80 8.29
C LEU B 156 13.29 -15.28 8.16
N SER B 157 14.33 -14.61 8.67
CA SER B 157 14.29 -13.15 8.79
C SER B 157 14.83 -12.42 7.58
N CYS B 158 15.88 -12.92 6.94
CA CYS B 158 16.43 -12.28 5.76
C CYS B 158 17.17 -13.31 4.92
N CYS B 159 17.10 -13.15 3.60
CA CYS B 159 17.71 -14.09 2.68
C CYS B 159 18.23 -13.36 1.45
N ARG B 160 19.32 -13.88 0.89
CA ARG B 160 19.99 -13.27 -0.24
C ARG B 160 20.52 -14.38 -1.13
N PHE B 161 20.67 -14.09 -2.42
CA PHE B 161 21.22 -15.04 -3.38
C PHE B 161 22.71 -14.80 -3.58
N LEU B 162 23.48 -15.89 -3.59
CA LEU B 162 24.84 -15.84 -4.14
C LEU B 162 24.84 -16.08 -5.63
N ASP B 163 23.94 -16.95 -6.11
CA ASP B 163 23.70 -17.16 -7.53
C ASP B 163 22.30 -17.76 -7.65
N ASP B 164 21.95 -18.16 -8.87
CA ASP B 164 20.61 -18.71 -9.10
C ASP B 164 20.36 -20.00 -8.33
N ASN B 165 21.41 -20.72 -7.94
CA ASN B 165 21.22 -22.00 -7.26
C ASN B 165 21.19 -21.84 -5.75
N GLN B 166 22.27 -21.31 -5.16
CA GLN B 166 22.48 -21.37 -3.72
C GLN B 166 22.06 -20.05 -3.06
N ILE B 167 21.17 -20.15 -2.09
CA ILE B 167 20.63 -19.02 -1.35
C ILE B 167 21.04 -19.13 0.11
N VAL B 168 21.52 -18.03 0.67
CA VAL B 168 21.81 -17.94 2.10
C VAL B 168 20.60 -17.36 2.80
N THR B 169 20.31 -17.86 4.00
CA THR B 169 19.15 -17.44 4.77
C THR B 169 19.54 -17.22 6.22
N SER B 170 18.77 -16.38 6.90
CA SER B 170 18.97 -16.10 8.32
C SER B 170 17.64 -16.25 9.02
N SER B 171 17.65 -16.87 10.20
CA SER B 171 16.41 -17.27 10.83
C SER B 171 16.46 -16.95 12.31
N GLY B 172 15.28 -16.78 12.91
CA GLY B 172 15.19 -16.42 14.31
C GLY B 172 15.79 -17.43 15.25
N ASP B 173 15.98 -18.67 14.81
CA ASP B 173 16.57 -19.70 15.65
C ASP B 173 18.11 -19.65 15.69
N THR B 174 18.65 -18.44 15.82
CA THR B 174 20.07 -18.20 16.07
C THR B 174 20.98 -18.83 15.03
N THR B 175 20.47 -19.10 13.83
CA THR B 175 21.23 -19.82 12.80
C THR B 175 21.12 -19.10 11.46
N CYS B 176 22.22 -19.11 10.72
CA CYS B 176 22.23 -18.77 9.31
C CYS B 176 22.65 -20.01 8.53
N ALA B 177 22.09 -20.20 7.34
CA ALA B 177 22.28 -21.43 6.60
C ALA B 177 22.42 -21.11 5.11
N LEU B 178 23.13 -22.00 4.41
CA LEU B 178 23.34 -21.87 2.97
C LEU B 178 22.67 -23.04 2.27
N TRP B 179 21.69 -22.74 1.42
CA TRP B 179 20.89 -23.76 0.75
C TRP B 179 21.38 -24.02 -0.67
N ASP B 180 20.88 -25.12 -1.25
CA ASP B 180 20.92 -25.36 -2.68
C ASP B 180 19.47 -25.48 -3.17
N ILE B 181 19.02 -24.51 -3.95
CA ILE B 181 17.68 -24.58 -4.54
C ILE B 181 17.58 -25.68 -5.59
N GLU B 182 18.70 -26.26 -6.02
CA GLU B 182 18.64 -27.39 -6.93
C GLU B 182 18.20 -28.67 -6.24
N THR B 183 18.41 -28.78 -4.93
CA THR B 183 18.10 -30.00 -4.18
C THR B 183 17.26 -29.78 -2.94
N GLY B 184 17.20 -28.57 -2.38
CA GLY B 184 16.46 -28.30 -1.17
C GLY B 184 17.18 -28.59 0.12
N GLN B 185 18.39 -29.15 0.06
CA GLN B 185 19.18 -29.45 1.24
C GLN B 185 20.09 -28.28 1.59
N GLN B 186 20.53 -28.25 2.85
CA GLN B 186 21.51 -27.28 3.29
C GLN B 186 22.91 -27.75 2.93
N THR B 187 23.67 -26.91 2.23
CA THR B 187 25.07 -27.23 1.96
C THR B 187 25.95 -26.93 3.16
N THR B 188 25.55 -25.99 4.00
CA THR B 188 26.35 -25.56 5.15
C THR B 188 25.42 -24.85 6.12
N THR B 189 25.71 -24.98 7.41
CA THR B 189 24.94 -24.30 8.44
C THR B 189 25.88 -23.51 9.33
N PHE B 190 25.48 -22.28 9.66
CA PHE B 190 26.27 -21.38 10.49
C PHE B 190 25.56 -21.20 11.82
N THR B 191 26.28 -21.49 12.91
CA THR B 191 25.71 -21.37 14.25
C THR B 191 26.75 -20.70 15.16
N GLY B 192 26.26 -20.08 16.23
CA GLY B 192 27.13 -19.39 17.15
C GLY B 192 26.54 -18.15 17.78
N HIS B 193 25.47 -17.61 17.19
CA HIS B 193 24.77 -16.51 17.83
C HIS B 193 24.01 -17.01 19.07
N THR B 194 23.76 -16.08 19.99
CA THR B 194 22.95 -16.36 21.16
C THR B 194 21.49 -15.96 20.96
N GLY B 195 21.25 -14.84 20.27
CA GLY B 195 19.90 -14.39 19.97
C GLY B 195 19.53 -14.62 18.52
N ASP B 196 18.32 -14.16 18.19
CA ASP B 196 17.80 -14.29 16.83
C ASP B 196 18.69 -13.56 15.84
N VAL B 197 18.95 -14.19 14.69
CA VAL B 197 19.75 -13.57 13.64
C VAL B 197 18.85 -12.70 12.79
N MET B 198 18.70 -11.43 13.17
CA MET B 198 17.65 -10.60 12.60
C MET B 198 17.91 -10.22 11.14
N SER B 199 19.16 -10.06 10.73
CA SER B 199 19.43 -9.57 9.39
C SER B 199 20.78 -10.05 8.90
N LEU B 200 20.97 -9.97 7.58
CA LEU B 200 22.11 -10.55 6.89
C LEU B 200 22.47 -9.68 5.70
N SER B 201 23.75 -9.70 5.32
CA SER B 201 24.20 -8.95 4.14
C SER B 201 25.43 -9.62 3.56
N LEU B 202 25.34 -10.00 2.28
CA LEU B 202 26.46 -10.61 1.57
C LEU B 202 27.42 -9.55 1.06
N ALA B 203 28.72 -9.86 1.12
CA ALA B 203 29.74 -8.94 0.65
C ALA B 203 29.69 -8.80 -0.87
N PRO B 204 30.28 -7.73 -1.42
CA PRO B 204 30.18 -7.53 -2.87
C PRO B 204 30.74 -8.65 -3.71
N ASP B 205 31.79 -9.34 -3.25
CA ASP B 205 32.33 -10.47 -3.99
C ASP B 205 31.70 -11.81 -3.60
N THR B 206 30.72 -11.79 -2.70
CA THR B 206 29.92 -12.95 -2.29
C THR B 206 30.76 -14.08 -1.70
N ARG B 207 32.04 -13.83 -1.40
CA ARG B 207 32.85 -14.86 -0.78
C ARG B 207 32.55 -15.02 0.71
N LEU B 208 32.00 -13.99 1.35
CA LEU B 208 31.73 -14.01 2.78
C LEU B 208 30.61 -13.03 3.07
N PHE B 209 30.02 -13.15 4.25
CA PHE B 209 28.87 -12.33 4.60
C PHE B 209 28.85 -12.07 6.10
N VAL B 210 28.00 -11.12 6.51
CA VAL B 210 27.83 -10.74 7.91
C VAL B 210 26.36 -10.87 8.27
N SER B 211 26.11 -11.05 9.56
CA SER B 211 24.76 -11.14 10.09
C SER B 211 24.69 -10.47 11.45
N GLY B 212 23.58 -9.77 11.70
CA GLY B 212 23.36 -9.08 12.95
C GLY B 212 22.30 -9.78 13.77
N ALA B 213 22.60 -10.00 15.04
CA ALA B 213 21.77 -10.80 15.91
C ALA B 213 21.08 -9.94 16.97
N CYS B 214 20.01 -10.47 17.55
CA CYS B 214 19.28 -9.77 18.60
C CYS B 214 20.02 -9.77 19.94
N ASP B 215 21.22 -10.35 19.99
CA ASP B 215 22.08 -10.26 21.16
C ASP B 215 23.09 -9.13 21.05
N ALA B 216 22.87 -8.18 20.13
CA ALA B 216 23.67 -6.97 19.91
C ALA B 216 25.03 -7.25 19.31
N SER B 217 25.35 -8.50 18.99
CA SER B 217 26.62 -8.82 18.35
C SER B 217 26.42 -9.03 16.84
N ALA B 218 27.45 -8.68 16.07
CA ALA B 218 27.49 -8.92 14.64
C ALA B 218 28.71 -9.76 14.30
N LYS B 219 28.54 -10.75 13.45
CA LYS B 219 29.58 -11.71 13.14
C LYS B 219 29.91 -11.71 11.67
N LEU B 220 31.15 -12.09 11.35
CA LEU B 220 31.60 -12.28 9.99
C LEU B 220 31.67 -13.77 9.71
N TRP B 221 30.96 -14.22 8.67
CA TRP B 221 30.88 -15.62 8.30
C TRP B 221 31.63 -15.86 6.99
N ASP B 222 32.20 -17.05 6.87
CA ASP B 222 32.85 -17.50 5.64
C ASP B 222 32.01 -18.64 5.08
N VAL B 223 31.51 -18.47 3.85
CA VAL B 223 30.59 -19.46 3.29
C VAL B 223 31.31 -20.75 2.88
N ARG B 224 32.61 -20.69 2.59
CA ARG B 224 33.34 -21.88 2.19
C ARG B 224 33.91 -22.66 3.37
N GLU B 225 34.30 -21.96 4.44
CA GLU B 225 34.71 -22.67 5.65
C GLU B 225 33.50 -23.20 6.41
N GLY B 226 32.39 -22.47 6.40
CA GLY B 226 31.26 -22.84 7.22
C GLY B 226 31.42 -22.50 8.68
N MET B 227 32.22 -21.49 8.99
CA MET B 227 32.50 -21.14 10.38
C MET B 227 32.73 -19.64 10.48
N CYS B 228 32.62 -19.13 11.70
CA CYS B 228 32.82 -17.70 11.95
C CYS B 228 34.27 -17.32 11.74
N ARG B 229 34.49 -16.04 11.48
CA ARG B 229 35.83 -15.53 11.28
C ARG B 229 36.17 -14.35 12.19
N GLN B 230 35.22 -13.45 12.42
CA GLN B 230 35.39 -12.33 13.33
C GLN B 230 34.04 -12.05 13.99
N THR B 231 34.09 -11.45 15.19
CA THR B 231 32.89 -11.11 15.93
C THR B 231 32.96 -9.65 16.36
N PHE B 232 31.87 -8.91 16.18
CA PHE B 232 31.82 -7.49 16.49
C PHE B 232 30.69 -7.20 17.46
N THR B 233 30.86 -6.15 18.25
CA THR B 233 29.91 -5.78 19.29
C THR B 233 30.01 -4.28 19.57
N GLY B 234 29.05 -3.77 20.34
CA GLY B 234 29.09 -2.38 20.75
C GLY B 234 27.77 -1.65 20.89
N HIS B 235 26.72 -2.16 20.27
CA HIS B 235 25.39 -1.60 20.54
C HIS B 235 24.88 -2.08 21.89
N GLU B 236 24.00 -1.28 22.50
CA GLU B 236 23.38 -1.67 23.75
C GLU B 236 22.27 -2.71 23.57
N SER B 237 21.75 -2.88 22.35
CA SER B 237 20.57 -3.71 22.16
C SER B 237 20.58 -4.29 20.75
N ASP B 238 19.52 -5.03 20.44
CA ASP B 238 19.40 -5.81 19.21
C ASP B 238 19.75 -5.01 17.95
N ILE B 239 20.46 -5.66 17.04
CA ILE B 239 20.76 -5.10 15.73
C ILE B 239 19.61 -5.40 14.77
N ASN B 240 19.02 -4.36 14.20
CA ASN B 240 17.87 -4.54 13.31
C ASN B 240 18.25 -4.68 11.84
N ALA B 241 19.36 -4.10 11.41
CA ALA B 241 19.72 -4.19 10.00
C ALA B 241 21.22 -3.97 9.85
N ILE B 242 21.77 -4.50 8.75
CA ILE B 242 23.21 -4.51 8.54
C ILE B 242 23.47 -4.55 7.04
N CYS B 243 24.52 -3.86 6.59
CA CYS B 243 24.84 -3.78 5.18
C CYS B 243 26.32 -3.51 5.00
N PHE B 244 26.92 -4.14 3.99
CA PHE B 244 28.34 -3.96 3.72
C PHE B 244 28.62 -2.59 3.10
N PHE B 245 29.77 -2.02 3.48
CA PHE B 245 30.32 -0.87 2.77
C PHE B 245 30.81 -1.34 1.40
N PRO B 246 30.57 -0.58 0.33
CA PRO B 246 30.80 -1.13 -1.03
C PRO B 246 32.25 -1.50 -1.32
N ASN B 247 33.22 -0.94 -0.60
CA ASN B 247 34.60 -1.37 -0.81
C ASN B 247 34.86 -2.79 -0.31
N GLY B 248 33.93 -3.38 0.45
CA GLY B 248 34.07 -4.72 0.95
C GLY B 248 34.88 -4.86 2.22
N ASN B 249 35.44 -3.77 2.76
CA ASN B 249 36.26 -3.82 3.96
C ASN B 249 35.56 -3.28 5.20
N ALA B 250 34.27 -2.97 5.11
CA ALA B 250 33.54 -2.46 6.26
C ALA B 250 32.07 -2.74 6.09
N PHE B 251 31.32 -2.65 7.20
CA PHE B 251 29.88 -2.80 7.17
C PHE B 251 29.25 -1.93 8.25
N ALA B 252 28.09 -1.37 7.92
CA ALA B 252 27.33 -0.57 8.87
C ALA B 252 26.24 -1.42 9.50
N THR B 253 25.99 -1.18 10.79
CA THR B 253 24.98 -1.92 11.54
C THR B 253 24.06 -0.93 12.25
N GLY B 254 22.75 -1.17 12.15
CA GLY B 254 21.79 -0.32 12.81
C GLY B 254 21.05 -1.03 13.92
N SER B 255 21.16 -0.53 15.15
CA SER B 255 20.55 -1.19 16.30
C SER B 255 19.21 -0.55 16.67
N ASP B 256 18.48 -1.25 17.53
CA ASP B 256 17.29 -0.68 18.15
C ASP B 256 17.65 0.42 19.16
N ASP B 257 18.93 0.56 19.50
CA ASP B 257 19.39 1.56 20.46
C ASP B 257 19.53 2.93 19.81
N ALA B 258 18.88 3.12 18.67
CA ALA B 258 18.82 4.41 17.97
C ALA B 258 20.21 4.91 17.58
N THR B 259 21.03 4.00 17.07
CA THR B 259 22.36 4.37 16.60
C THR B 259 22.81 3.42 15.50
N CYS B 260 23.62 3.94 14.60
CA CYS B 260 24.27 3.16 13.56
C CYS B 260 25.78 3.19 13.78
N ARG B 261 26.43 2.04 13.62
CA ARG B 261 27.87 1.91 13.80
C ARG B 261 28.52 1.36 12.55
N LEU B 262 29.72 1.85 12.26
CA LEU B 262 30.52 1.36 11.14
C LEU B 262 31.68 0.54 11.69
N PHE B 263 31.75 -0.73 11.28
CA PHE B 263 32.77 -1.65 11.75
C PHE B 263 33.74 -1.94 10.60
N ASP B 264 35.03 -1.75 10.85
CA ASP B 264 36.03 -2.11 9.87
C ASP B 264 36.46 -3.56 10.07
N LEU B 265 36.53 -4.30 8.96
CA LEU B 265 36.90 -5.72 9.06
C LEU B 265 38.37 -5.89 9.46
N ARG B 266 39.27 -5.18 8.77
CA ARG B 266 40.69 -5.38 9.03
C ARG B 266 41.13 -4.75 10.36
N ALA B 267 40.46 -3.69 10.81
CA ALA B 267 40.75 -3.11 12.11
C ALA B 267 39.96 -3.76 13.22
N ASP B 268 39.01 -4.63 12.90
CA ASP B 268 38.33 -5.51 13.86
C ASP B 268 37.59 -4.74 14.94
N GLN B 269 37.22 -3.48 14.70
CA GLN B 269 36.56 -2.70 15.75
C GLN B 269 35.70 -1.61 15.13
N GLU B 270 34.74 -1.14 15.92
CA GLU B 270 33.85 -0.07 15.51
C GLU B 270 34.63 1.23 15.33
N LEU B 271 34.44 1.90 14.20
CA LEU B 271 35.18 3.13 13.92
C LEU B 271 34.37 4.39 14.21
N MET B 272 33.05 4.37 14.01
CA MET B 272 32.25 5.57 14.13
C MET B 272 30.88 5.22 14.68
N THR B 273 30.21 6.23 15.25
CA THR B 273 28.90 6.07 15.86
C THR B 273 28.00 7.23 15.43
N TYR B 274 27.10 6.97 14.50
CA TYR B 274 26.15 7.99 14.04
C TYR B 274 24.95 7.99 14.99
N SER B 275 24.79 9.08 15.74
CA SER B 275 23.65 9.21 16.64
C SER B 275 23.43 10.69 16.92
N HIS B 276 22.20 11.01 17.33
CA HIS B 276 21.83 12.39 17.61
C HIS B 276 20.82 12.38 18.75
N ASP B 277 20.93 13.33 19.67
CA ASP B 277 20.18 13.29 20.91
C ASP B 277 18.67 13.37 20.69
N ASN B 278 18.23 13.91 19.55
CA ASN B 278 16.81 13.98 19.21
C ASN B 278 16.23 12.59 18.95
N ILE B 279 17.07 11.61 18.62
CA ILE B 279 16.61 10.31 18.12
C ILE B 279 16.48 9.34 19.28
N ILE B 280 15.34 8.64 19.34
CA ILE B 280 15.13 7.55 20.29
C ILE B 280 14.62 6.32 19.55
N CYS B 281 14.17 6.51 18.31
CA CYS B 281 13.58 5.42 17.53
C CYS B 281 14.66 4.50 16.97
N GLY B 282 14.29 3.23 16.78
CA GLY B 282 15.25 2.24 16.32
C GLY B 282 15.48 2.28 14.82
N ILE B 283 16.65 1.78 14.41
CA ILE B 283 17.00 1.68 13.01
C ILE B 283 16.23 0.55 12.36
N THR B 284 16.07 0.61 11.03
CA THR B 284 15.46 -0.49 10.29
C THR B 284 16.20 -0.83 9.00
N SER B 285 17.12 0.02 8.53
CA SER B 285 17.95 -0.29 7.38
C SER B 285 19.18 0.59 7.43
N VAL B 286 20.30 0.07 6.92
CA VAL B 286 21.59 0.76 7.01
C VAL B 286 22.32 0.81 5.67
N SER B 287 21.59 0.87 4.57
CA SER B 287 22.22 0.77 3.25
C SER B 287 23.06 2.01 2.91
N PHE B 288 24.16 1.77 2.20
CA PHE B 288 25.06 2.81 1.72
C PHE B 288 24.69 3.28 0.32
N SER B 289 25.28 4.40 -0.08
CA SER B 289 25.33 4.80 -1.48
C SER B 289 26.57 4.22 -2.14
N LYS B 290 26.66 4.39 -3.46
CA LYS B 290 27.68 3.66 -4.22
C LYS B 290 29.09 4.16 -3.95
N SER B 291 29.29 5.45 -3.74
CA SER B 291 30.62 5.92 -3.36
C SER B 291 30.92 5.74 -1.88
N GLY B 292 29.94 5.30 -1.08
CA GLY B 292 30.15 5.07 0.33
C GLY B 292 30.14 6.30 1.20
N ARG B 293 30.06 7.50 0.63
CA ARG B 293 30.04 8.71 1.44
C ARG B 293 28.76 8.82 2.25
N LEU B 294 27.65 8.29 1.74
CA LEU B 294 26.34 8.45 2.37
C LEU B 294 25.86 7.12 2.92
N LEU B 295 25.42 7.13 4.17
CA LEU B 295 24.79 5.98 4.82
C LEU B 295 23.33 6.36 5.08
N LEU B 296 22.43 5.81 4.27
CA LEU B 296 21.01 6.21 4.29
C LEU B 296 20.22 5.36 5.27
N ALA B 297 20.49 5.57 6.56
CA ALA B 297 19.78 4.85 7.61
C ALA B 297 18.30 5.19 7.60
N GLY B 298 17.47 4.19 7.89
CA GLY B 298 16.03 4.38 7.99
C GLY B 298 15.56 4.15 9.41
N TYR B 299 14.66 5.01 9.88
CA TYR B 299 14.28 5.06 11.29
C TYR B 299 12.81 4.75 11.47
N ASP B 300 12.47 4.22 12.66
CA ASP B 300 11.08 4.03 13.03
C ASP B 300 10.35 5.35 13.24
N ASP B 301 11.08 6.47 13.29
CA ASP B 301 10.50 7.80 13.43
C ASP B 301 9.97 8.36 12.12
N PHE B 302 9.74 7.49 11.13
CA PHE B 302 9.16 7.78 9.82
C PHE B 302 10.13 8.52 8.90
N ASN B 303 11.39 8.69 9.29
CA ASN B 303 12.36 9.45 8.53
C ASN B 303 13.55 8.57 8.16
N CYS B 304 14.17 8.91 7.02
CA CYS B 304 15.45 8.33 6.60
C CYS B 304 16.50 9.42 6.70
N ASN B 305 17.53 9.20 7.52
CA ASN B 305 18.50 10.23 7.85
C ASN B 305 19.84 9.87 7.23
N VAL B 306 20.25 10.65 6.23
CA VAL B 306 21.47 10.37 5.47
C VAL B 306 22.66 10.90 6.27
N TRP B 307 23.45 9.98 6.83
CA TRP B 307 24.67 10.33 7.55
C TRP B 307 25.86 10.32 6.59
N ASP B 308 26.68 11.36 6.66
CA ASP B 308 27.95 11.35 5.94
C ASP B 308 28.85 10.32 6.62
N ALA B 309 29.14 9.22 5.91
CA ALA B 309 29.76 8.06 6.55
C ALA B 309 31.15 8.36 7.12
N LEU B 310 31.86 9.36 6.58
CA LEU B 310 33.20 9.65 7.04
C LEU B 310 33.27 10.84 7.99
N LYS B 311 32.50 11.89 7.75
CA LYS B 311 32.44 13.00 8.69
C LYS B 311 31.58 12.68 9.91
N ALA B 312 30.80 11.60 9.85
CA ALA B 312 30.00 11.13 10.97
C ALA B 312 29.03 12.18 11.49
N ASP B 313 28.42 12.93 10.56
CA ASP B 313 27.38 13.88 10.91
C ASP B 313 26.30 13.86 9.83
N ARG B 314 25.14 14.42 10.18
CA ARG B 314 23.97 14.32 9.31
C ARG B 314 24.16 15.15 8.05
N ALA B 315 23.86 14.53 6.90
CA ALA B 315 23.89 15.24 5.63
C ALA B 315 22.52 15.74 5.19
N GLY B 316 21.44 15.12 5.66
CA GLY B 316 20.11 15.55 5.30
C GLY B 316 19.06 14.65 5.89
N VAL B 317 17.80 14.99 5.64
CA VAL B 317 16.65 14.24 6.14
C VAL B 317 15.70 14.01 4.98
N LEU B 318 15.23 12.77 4.83
CA LEU B 318 14.23 12.40 3.84
C LEU B 318 13.01 11.86 4.56
N ALA B 319 11.84 12.45 4.27
CA ALA B 319 10.63 12.17 5.02
C ALA B 319 9.43 12.13 4.08
N GLY B 320 8.28 11.71 4.60
CA GLY B 320 7.07 11.67 3.82
C GLY B 320 6.14 10.52 4.14
N HIS B 321 6.56 9.60 4.99
CA HIS B 321 5.76 8.43 5.34
C HIS B 321 4.94 8.71 6.60
N ASP B 322 3.69 8.24 6.60
CA ASP B 322 2.84 8.33 7.76
C ASP B 322 3.01 7.14 8.71
N ASN B 323 3.95 6.25 8.42
CA ASN B 323 4.22 5.11 9.29
C ASN B 323 5.68 4.69 9.07
N ARG B 324 6.16 3.79 9.92
CA ARG B 324 7.58 3.46 9.96
C ARG B 324 8.06 2.86 8.64
N VAL B 325 9.32 3.16 8.30
CA VAL B 325 9.94 2.60 7.11
C VAL B 325 10.45 1.19 7.40
N SER B 326 10.35 0.31 6.41
CA SER B 326 10.76 -1.07 6.57
C SER B 326 11.96 -1.46 5.72
N CYS B 327 12.41 -0.61 4.80
CA CYS B 327 13.53 -0.93 3.93
C CYS B 327 14.04 0.35 3.29
N LEU B 328 15.33 0.34 2.94
CA LEU B 328 15.98 1.48 2.31
C LEU B 328 16.93 1.04 1.21
N GLY B 329 16.47 0.15 0.33
CA GLY B 329 17.34 -0.41 -0.70
C GLY B 329 17.82 0.63 -1.69
N VAL B 330 19.13 0.73 -1.89
CA VAL B 330 19.74 1.62 -2.87
C VAL B 330 19.99 0.84 -4.16
N THR B 331 19.73 1.48 -5.30
CA THR B 331 19.98 0.85 -6.60
C THR B 331 21.46 0.56 -6.77
N ASP B 332 21.76 -0.50 -7.54
CA ASP B 332 23.15 -0.86 -7.79
C ASP B 332 23.89 0.19 -8.62
N ASP B 333 23.16 0.99 -9.41
CA ASP B 333 23.77 2.09 -10.15
C ASP B 333 23.93 3.35 -9.32
N GLY B 334 23.43 3.36 -8.08
CA GLY B 334 23.42 4.58 -7.28
C GLY B 334 22.39 5.59 -7.71
N MET B 335 21.51 5.23 -8.64
CA MET B 335 20.62 6.21 -9.25
C MET B 335 19.47 6.61 -8.33
N ALA B 336 18.98 5.70 -7.50
CA ALA B 336 17.83 6.00 -6.67
C ALA B 336 17.84 5.13 -5.42
N VAL B 337 17.10 5.58 -4.41
CA VAL B 337 16.90 4.84 -3.17
C VAL B 337 15.41 4.65 -2.97
N ALA B 338 14.99 3.40 -2.79
CA ALA B 338 13.61 3.09 -2.49
C ALA B 338 13.41 2.96 -0.99
N THR B 339 12.23 3.39 -0.52
CA THR B 339 11.90 3.30 0.91
C THR B 339 10.47 2.79 1.03
N GLY B 340 10.32 1.49 1.27
CA GLY B 340 9.03 0.97 1.65
C GLY B 340 8.68 1.34 3.08
N SER B 341 7.39 1.25 3.40
CA SER B 341 6.94 1.70 4.70
C SER B 341 5.64 0.98 5.05
N TRP B 342 5.29 1.03 6.33
CA TRP B 342 4.11 0.33 6.81
C TRP B 342 2.82 0.94 6.29
N ASP B 343 2.86 2.12 5.69
CA ASP B 343 1.69 2.71 5.05
C ASP B 343 1.60 2.37 3.56
N SER B 344 2.28 1.32 3.13
CA SER B 344 2.07 0.65 1.85
C SER B 344 2.53 1.45 0.63
N PHE B 345 3.10 2.64 0.83
CA PHE B 345 3.55 3.48 -0.27
C PHE B 345 5.07 3.37 -0.39
N LEU B 346 5.53 2.57 -1.34
CA LEU B 346 6.96 2.44 -1.62
C LEU B 346 7.46 3.61 -2.46
N LYS B 347 7.84 4.70 -1.80
CA LYS B 347 8.32 5.88 -2.52
C LYS B 347 9.70 5.64 -3.11
N ILE B 348 9.97 6.28 -4.25
CA ILE B 348 11.28 6.26 -4.90
C ILE B 348 11.88 7.65 -4.75
N TRP B 349 13.06 7.72 -4.15
CA TRP B 349 13.71 8.98 -3.82
C TRP B 349 15.01 9.11 -4.60
N ASN B 350 15.24 10.28 -5.20
CA ASN B 350 16.45 10.54 -5.96
C ASN B 350 16.75 12.04 -5.96
N SER C 8 27.44 -29.45 28.21
CA SER C 8 27.90 -28.09 28.51
C SER C 8 29.41 -27.99 28.46
N ILE C 9 30.12 -29.01 28.95
CA ILE C 9 31.58 -28.95 29.00
C ILE C 9 32.16 -28.90 27.60
N ALA C 10 31.71 -29.80 26.72
CA ALA C 10 32.21 -29.82 25.35
C ALA C 10 31.79 -28.56 24.60
N GLN C 11 30.59 -28.05 24.87
CA GLN C 11 30.14 -26.81 24.24
C GLN C 11 31.03 -25.63 24.64
N ALA C 12 31.37 -25.54 25.92
CA ALA C 12 32.27 -24.49 26.38
C ALA C 12 33.67 -24.67 25.80
N ARG C 13 34.12 -25.91 25.65
CA ARG C 13 35.40 -26.16 25.01
C ARG C 13 35.40 -25.66 23.57
N LYS C 14 34.32 -25.94 22.83
CA LYS C 14 34.18 -25.41 21.48
C LYS C 14 34.16 -23.89 21.48
N LEU C 15 33.45 -23.31 22.46
CA LEU C 15 33.38 -21.86 22.57
C LEU C 15 34.76 -21.24 22.75
N VAL C 16 35.55 -21.77 23.68
CA VAL C 16 36.87 -21.21 23.93
C VAL C 16 37.81 -21.49 22.76
N GLU C 17 37.64 -22.63 22.08
CA GLU C 17 38.46 -22.92 20.90
C GLU C 17 38.15 -21.92 19.79
N GLN C 18 36.88 -21.61 19.59
CA GLN C 18 36.49 -20.59 18.62
C GLN C 18 37.06 -19.22 19.01
N LEU C 19 37.02 -18.89 20.30
CA LEU C 19 37.62 -17.63 20.76
C LEU C 19 39.11 -17.57 20.43
N LYS C 20 39.83 -18.67 20.64
CA LYS C 20 41.25 -18.69 20.27
C LYS C 20 41.42 -18.53 18.75
N MET C 21 40.63 -19.27 17.97
CA MET C 21 40.76 -19.22 16.52
C MET C 21 40.44 -17.85 15.97
N GLU C 22 39.58 -17.10 16.63
CA GLU C 22 39.27 -15.73 16.23
C GLU C 22 40.31 -14.74 16.75
N ALA C 23 40.90 -15.04 17.91
CA ALA C 23 41.91 -14.16 18.50
C ALA C 23 43.16 -14.09 17.65
N ASN C 24 43.56 -15.21 17.05
CA ASN C 24 44.83 -15.31 16.34
C ASN C 24 44.79 -14.66 14.95
N ILE C 25 43.67 -14.07 14.55
CA ILE C 25 43.59 -13.42 13.25
C ILE C 25 44.51 -12.19 13.21
N ASP C 26 44.91 -11.83 11.98
CA ASP C 26 45.74 -10.66 11.78
C ASP C 26 44.92 -9.38 11.95
N ARG C 27 45.61 -8.29 12.26
CA ARG C 27 44.98 -6.99 12.44
C ARG C 27 45.91 -5.89 11.95
N ILE C 28 45.31 -4.77 11.57
CA ILE C 28 46.05 -3.59 11.09
C ILE C 28 45.62 -2.39 11.93
N LYS C 29 46.46 -1.36 11.89
CA LYS C 29 46.18 -0.14 12.63
C LYS C 29 44.94 0.56 12.09
N VAL C 30 44.16 1.15 12.99
CA VAL C 30 42.90 1.80 12.61
C VAL C 30 43.14 2.94 11.63
N SER C 31 44.26 3.65 11.78
CA SER C 31 44.57 4.74 10.86
C SER C 31 44.61 4.25 9.41
N LYS C 32 45.26 3.10 9.19
CA LYS C 32 45.33 2.54 7.85
C LYS C 32 43.96 2.19 7.31
N ALA C 33 43.10 1.58 8.14
CA ALA C 33 41.76 1.22 7.70
C ALA C 33 40.94 2.45 7.32
N ALA C 34 40.95 3.47 8.19
CA ALA C 34 40.18 4.68 7.91
C ALA C 34 40.73 5.39 6.68
N ALA C 35 42.05 5.42 6.51
CA ALA C 35 42.63 6.01 5.32
C ALA C 35 42.21 5.27 4.06
N ASP C 36 42.17 3.94 4.12
CA ASP C 36 41.74 3.16 2.96
C ASP C 36 40.27 3.42 2.62
N LEU C 37 39.41 3.51 3.65
CA LEU C 37 38.00 3.82 3.40
C LEU C 37 37.86 5.19 2.77
N MET C 38 38.60 6.18 3.27
CA MET C 38 38.55 7.52 2.70
C MET C 38 39.09 7.53 1.27
N ALA C 39 40.14 6.77 1.00
CA ALA C 39 40.70 6.71 -0.34
C ALA C 39 39.71 6.11 -1.33
N TYR C 40 39.04 5.02 -0.94
CA TYR C 40 38.01 4.45 -1.80
C TYR C 40 36.89 5.46 -2.03
N CYS C 41 36.42 6.11 -0.97
CA CYS C 41 35.28 7.01 -1.09
C CYS C 41 35.62 8.19 -2.01
N GLU C 42 36.79 8.80 -1.81
CA GLU C 42 37.15 9.96 -2.62
C GLU C 42 37.55 9.58 -4.03
N ALA C 43 38.05 8.35 -4.24
CA ALA C 43 38.40 7.92 -5.59
C ALA C 43 37.16 7.75 -6.45
N HIS C 44 36.03 7.38 -5.85
CA HIS C 44 34.80 7.10 -6.58
C HIS C 44 33.73 8.17 -6.36
N ALA C 45 34.10 9.34 -5.85
CA ALA C 45 33.11 10.35 -5.47
C ALA C 45 32.36 10.92 -6.67
N LYS C 46 32.92 10.85 -7.88
CA LYS C 46 32.32 11.47 -9.04
C LYS C 46 31.17 10.65 -9.63
N GLU C 47 30.98 9.41 -9.17
CA GLU C 47 30.09 8.46 -9.82
C GLU C 47 28.92 8.04 -8.93
N ASP C 48 28.36 8.99 -8.17
CA ASP C 48 27.28 8.70 -7.24
C ASP C 48 26.19 9.76 -7.46
N PRO C 49 25.09 9.40 -8.11
CA PRO C 49 24.03 10.39 -8.38
C PRO C 49 23.27 10.89 -7.16
N LEU C 50 23.59 10.41 -5.96
CA LEU C 50 22.94 10.90 -4.75
C LEU C 50 23.73 12.01 -4.08
N LEU C 51 25.04 11.80 -3.88
CA LEU C 51 25.85 12.81 -3.23
C LEU C 51 26.17 13.96 -4.20
N THR C 52 26.11 13.71 -5.51
CA THR C 52 26.14 14.77 -6.50
C THR C 52 24.79 14.89 -7.19
N PRO C 53 24.35 16.10 -7.50
CA PRO C 53 23.11 16.26 -8.28
C PRO C 53 23.29 15.69 -9.68
N VAL C 54 22.19 15.19 -10.23
CA VAL C 54 22.17 14.60 -11.57
C VAL C 54 21.25 15.45 -12.44
N PRO C 55 21.68 15.87 -13.62
CA PRO C 55 20.81 16.66 -14.49
C PRO C 55 19.74 15.81 -15.13
N ALA C 56 18.67 16.47 -15.58
CA ALA C 56 17.54 15.78 -16.20
C ALA C 56 17.95 15.03 -17.46
N SER C 57 19.07 15.39 -18.08
CA SER C 57 19.53 14.67 -19.27
C SER C 57 19.99 13.27 -18.93
N GLU C 58 20.60 13.08 -17.75
CA GLU C 58 21.08 11.78 -17.32
C GLU C 58 20.06 11.02 -16.48
N ASN C 59 19.25 11.74 -15.70
CA ASN C 59 18.33 11.13 -14.75
C ASN C 59 17.21 10.37 -15.46
N PRO C 60 17.02 9.08 -15.19
CA PRO C 60 15.84 8.39 -15.72
C PRO C 60 14.58 8.60 -14.89
N PHE C 61 14.71 8.96 -13.62
CA PHE C 61 13.57 9.31 -12.78
C PHE C 61 13.22 10.78 -12.89
N ARG C 62 12.93 11.23 -14.11
CA ARG C 62 12.59 12.63 -14.34
C ARG C 62 11.20 12.94 -13.77
N ASP D 1 4.42 -30.07 -22.30
CA ASP D 1 5.00 -28.94 -23.00
C ASP D 1 3.94 -28.00 -23.53
N VAL D 2 4.33 -26.74 -23.80
CA VAL D 2 3.41 -25.79 -24.40
C VAL D 2 3.05 -26.25 -25.80
N GLN D 3 1.76 -26.19 -26.12
CA GLN D 3 1.28 -26.68 -27.41
C GLN D 3 0.14 -25.79 -27.90
N LEU D 4 0.15 -25.51 -29.20
CA LEU D 4 -0.93 -24.79 -29.87
C LEU D 4 -1.36 -25.59 -31.08
N VAL D 5 -2.66 -25.83 -31.22
CA VAL D 5 -3.23 -26.51 -32.36
C VAL D 5 -4.46 -25.73 -32.82
N GLU D 6 -4.57 -25.51 -34.12
CA GLU D 6 -5.70 -24.83 -34.72
C GLU D 6 -6.44 -25.78 -35.66
N SER D 7 -7.70 -25.47 -35.92
CA SER D 7 -8.55 -26.30 -36.77
C SER D 7 -9.53 -25.42 -37.51
N GLY D 8 -10.19 -26.01 -38.52
CA GLY D 8 -11.20 -25.31 -39.30
C GLY D 8 -10.85 -25.02 -40.73
N GLY D 9 -9.79 -25.61 -41.27
CA GLY D 9 -9.39 -25.36 -42.64
C GLY D 9 -10.29 -26.06 -43.64
N GLY D 10 -9.78 -26.16 -44.86
CA GLY D 10 -10.47 -26.81 -45.96
C GLY D 10 -10.70 -25.89 -47.14
N LEU D 11 -11.61 -26.32 -48.02
CA LEU D 11 -11.96 -25.59 -49.23
C LEU D 11 -13.32 -24.93 -49.05
N VAL D 12 -13.37 -23.62 -49.31
CA VAL D 12 -14.59 -22.84 -49.15
C VAL D 12 -14.84 -22.07 -50.44
N GLN D 13 -16.11 -21.97 -50.82
CA GLN D 13 -16.47 -21.22 -52.01
C GLN D 13 -16.20 -19.73 -51.79
N PRO D 14 -15.67 -19.04 -52.80
CA PRO D 14 -15.46 -17.58 -52.65
C PRO D 14 -16.76 -16.87 -52.30
N GLY D 15 -16.65 -15.88 -51.42
CA GLY D 15 -17.81 -15.19 -50.89
C GLY D 15 -18.48 -15.88 -49.73
N GLY D 16 -18.02 -17.07 -49.36
CA GLY D 16 -18.59 -17.79 -48.24
C GLY D 16 -18.05 -17.30 -46.91
N SER D 17 -18.25 -18.12 -45.88
CA SER D 17 -17.81 -17.80 -44.53
C SER D 17 -17.34 -19.07 -43.84
N ARG D 18 -16.43 -18.90 -42.88
CA ARG D 18 -15.87 -20.03 -42.15
C ARG D 18 -15.34 -19.52 -40.80
N LYS D 19 -15.32 -20.42 -39.82
CA LYS D 19 -14.77 -20.12 -38.50
C LYS D 19 -13.53 -20.97 -38.27
N LEU D 20 -12.42 -20.31 -37.92
CA LEU D 20 -11.19 -20.98 -37.51
C LEU D 20 -11.01 -20.83 -36.02
N SER D 21 -10.52 -21.88 -35.37
CA SER D 21 -10.32 -21.89 -33.93
C SER D 21 -8.89 -22.28 -33.59
N CYS D 22 -8.37 -21.69 -32.53
CA CYS D 22 -7.04 -21.98 -32.00
C CYS D 22 -7.18 -22.51 -30.58
N SER D 23 -6.67 -23.71 -30.34
CA SER D 23 -6.79 -24.37 -29.04
C SER D 23 -5.43 -24.41 -28.38
N ALA D 24 -5.35 -23.87 -27.16
CA ALA D 24 -4.11 -23.79 -26.40
C ALA D 24 -4.11 -24.77 -25.25
N SER D 25 -2.93 -25.31 -24.92
CA SER D 25 -2.79 -26.19 -23.77
C SER D 25 -1.41 -26.03 -23.17
N GLY D 26 -1.32 -26.22 -21.86
CA GLY D 26 -0.05 -26.24 -21.16
C GLY D 26 0.50 -24.89 -20.75
N PHE D 27 -0.26 -23.82 -20.85
CA PHE D 27 0.21 -22.51 -20.40
C PHE D 27 -0.96 -21.64 -20.02
N ALA D 28 -0.66 -20.56 -19.29
CA ALA D 28 -1.66 -19.65 -18.73
C ALA D 28 -2.26 -18.77 -19.83
N PHE D 29 -3.11 -19.41 -20.64
CA PHE D 29 -3.65 -18.77 -21.84
C PHE D 29 -4.32 -17.44 -21.54
N SER D 30 -4.99 -17.33 -20.40
CA SER D 30 -5.74 -16.10 -20.09
C SER D 30 -4.84 -14.87 -20.03
N SER D 31 -3.59 -15.03 -19.63
CA SER D 31 -2.68 -13.90 -19.46
C SER D 31 -1.89 -13.58 -20.72
N PHE D 32 -1.92 -14.44 -21.73
CA PHE D 32 -1.23 -14.20 -22.99
C PHE D 32 -2.11 -13.45 -23.98
N GLY D 33 -1.47 -12.65 -24.82
CA GLY D 33 -2.12 -12.19 -26.03
C GLY D 33 -2.13 -13.29 -27.08
N MET D 34 -2.87 -13.05 -28.15
CA MET D 34 -2.92 -13.98 -29.26
C MET D 34 -2.99 -13.21 -30.57
N HIS D 35 -2.26 -13.69 -31.57
CA HIS D 35 -2.27 -13.11 -32.91
C HIS D 35 -2.63 -14.18 -33.93
N TRP D 36 -3.07 -13.72 -35.09
CA TRP D 36 -3.21 -14.58 -36.27
C TRP D 36 -2.28 -14.09 -37.35
N VAL D 37 -1.48 -14.99 -37.91
CA VAL D 37 -0.55 -14.69 -38.99
C VAL D 37 -0.73 -15.73 -40.08
N ARG D 38 -0.81 -15.28 -41.33
CA ARG D 38 -1.14 -16.14 -42.45
C ARG D 38 -0.07 -16.06 -43.51
N GLN D 39 0.10 -17.16 -44.26
CA GLN D 39 1.14 -17.29 -45.26
C GLN D 39 0.53 -17.74 -46.57
N ALA D 40 0.73 -16.94 -47.62
CA ALA D 40 0.28 -17.33 -48.96
C ALA D 40 1.05 -18.58 -49.41
N PRO D 41 0.49 -19.35 -50.34
CA PRO D 41 1.05 -20.69 -50.62
C PRO D 41 2.51 -20.66 -51.06
N GLU D 42 2.97 -19.58 -51.70
CA GLU D 42 4.38 -19.49 -52.07
C GLU D 42 4.90 -18.08 -51.82
N LYS D 43 4.52 -17.48 -50.70
CA LYS D 43 4.91 -16.10 -50.41
C LYS D 43 5.23 -15.95 -48.92
N GLY D 44 5.73 -14.77 -48.57
CA GLY D 44 6.06 -14.47 -47.20
C GLY D 44 4.85 -14.26 -46.32
N LEU D 45 5.10 -14.20 -45.01
CA LEU D 45 4.04 -14.03 -44.04
C LEU D 45 3.35 -12.68 -44.20
N GLU D 46 2.10 -12.63 -43.74
CA GLU D 46 1.32 -11.40 -43.67
C GLU D 46 0.47 -11.43 -42.42
N TRP D 47 0.17 -10.26 -41.88
CA TRP D 47 -0.52 -10.17 -40.61
C TRP D 47 -2.03 -10.17 -40.81
N VAL D 48 -2.74 -10.63 -39.77
CA VAL D 48 -4.20 -10.74 -39.84
C VAL D 48 -4.91 -9.97 -38.72
N ALA D 49 -4.66 -10.35 -37.47
CA ALA D 49 -5.48 -9.84 -36.37
C ALA D 49 -4.77 -9.99 -35.03
N TYR D 50 -5.25 -9.24 -34.05
CA TYR D 50 -4.74 -9.25 -32.68
C TYR D 50 -5.90 -9.36 -31.69
N ILE D 51 -5.60 -9.90 -30.51
CA ILE D 51 -6.52 -9.81 -29.37
C ILE D 51 -5.70 -9.89 -28.09
N SER D 52 -5.88 -8.88 -27.23
CA SER D 52 -5.07 -8.76 -26.03
C SER D 52 -5.55 -9.71 -24.94
N SER D 53 -4.82 -9.72 -23.82
CA SER D 53 -5.27 -10.48 -22.66
C SER D 53 -6.55 -9.88 -22.10
N GLY D 54 -7.47 -10.75 -21.68
CA GLY D 54 -8.76 -10.29 -21.19
C GLY D 54 -9.59 -9.55 -22.22
N SER D 55 -9.31 -9.76 -23.51
CA SER D 55 -10.08 -9.20 -24.62
C SER D 55 -10.12 -7.67 -24.59
N GLY D 56 -9.11 -7.04 -23.99
CA GLY D 56 -9.16 -5.60 -23.80
C GLY D 56 -9.06 -4.78 -25.07
N THR D 57 -8.19 -5.19 -26.00
CA THR D 57 -7.98 -4.44 -27.23
C THR D 57 -7.80 -5.40 -28.39
N ILE D 58 -8.16 -4.92 -29.58
CA ILE D 58 -8.13 -5.72 -30.80
C ILE D 58 -7.70 -4.83 -31.96
N TYR D 59 -6.95 -5.42 -32.89
CA TYR D 59 -6.53 -4.72 -34.11
C TYR D 59 -6.63 -5.69 -35.28
N TYR D 60 -6.83 -5.12 -36.48
CA TYR D 60 -6.88 -5.92 -37.70
C TYR D 60 -6.02 -5.28 -38.78
N ALA D 61 -5.54 -6.12 -39.69
CA ALA D 61 -4.84 -5.62 -40.87
C ALA D 61 -5.80 -4.83 -41.74
N ASP D 62 -5.25 -3.86 -42.49
CA ASP D 62 -6.08 -3.00 -43.33
C ASP D 62 -6.82 -3.80 -44.41
N THR D 63 -6.19 -4.84 -44.95
CA THR D 63 -6.83 -5.65 -45.97
C THR D 63 -7.96 -6.51 -45.40
N VAL D 64 -8.07 -6.61 -44.08
CA VAL D 64 -9.02 -7.51 -43.45
C VAL D 64 -10.07 -6.80 -42.60
N LYS D 65 -9.79 -5.58 -42.14
CA LYS D 65 -10.65 -4.88 -41.17
C LYS D 65 -12.11 -4.90 -41.59
N GLY D 66 -12.95 -5.48 -40.72
CA GLY D 66 -14.36 -5.65 -41.00
C GLY D 66 -14.72 -6.94 -41.68
N ARG D 67 -13.83 -7.51 -42.49
CA ARG D 67 -14.13 -8.80 -43.12
C ARG D 67 -14.00 -9.95 -42.13
N PHE D 68 -13.05 -9.87 -41.18
CA PHE D 68 -12.88 -10.90 -40.16
C PHE D 68 -13.16 -10.30 -38.79
N THR D 69 -13.47 -11.16 -37.83
CA THR D 69 -13.54 -10.75 -36.43
C THR D 69 -12.89 -11.81 -35.55
N ILE D 70 -12.12 -11.35 -34.57
CA ILE D 70 -11.35 -12.21 -33.68
C ILE D 70 -11.94 -12.13 -32.28
N SER D 71 -12.16 -13.29 -31.67
CA SER D 71 -12.65 -13.36 -30.30
C SER D 71 -12.07 -14.60 -29.64
N ARG D 72 -12.06 -14.60 -28.31
CA ARG D 72 -11.44 -15.68 -27.55
C ARG D 72 -12.34 -16.06 -26.38
N ASP D 73 -12.34 -17.37 -26.07
CA ASP D 73 -13.03 -17.91 -24.91
C ASP D 73 -11.97 -18.34 -23.90
N ASP D 74 -11.57 -17.39 -23.03
CA ASP D 74 -10.49 -17.64 -22.10
C ASP D 74 -10.71 -18.86 -21.21
N PRO D 75 -11.89 -19.09 -20.62
CA PRO D 75 -12.06 -20.30 -19.79
C PRO D 75 -11.93 -21.60 -20.58
N LYS D 76 -12.10 -21.57 -21.89
CA LYS D 76 -11.96 -22.76 -22.72
C LYS D 76 -10.61 -22.84 -23.41
N ASN D 77 -9.69 -21.93 -23.09
CA ASN D 77 -8.36 -21.89 -23.69
C ASN D 77 -8.41 -21.91 -25.21
N THR D 78 -9.39 -21.22 -25.79
CA THR D 78 -9.63 -21.27 -27.22
C THR D 78 -9.73 -19.86 -27.80
N LEU D 79 -9.05 -19.63 -28.91
CA LEU D 79 -9.18 -18.40 -29.69
C LEU D 79 -9.95 -18.69 -30.97
N PHE D 80 -10.79 -17.74 -31.39
CA PHE D 80 -11.62 -17.89 -32.57
C PHE D 80 -11.36 -16.77 -33.55
N LEU D 81 -11.34 -17.11 -34.84
CA LEU D 81 -11.36 -16.14 -35.92
C LEU D 81 -12.59 -16.42 -36.78
N GLN D 82 -13.54 -15.50 -36.75
CA GLN D 82 -14.76 -15.63 -37.54
C GLN D 82 -14.60 -14.82 -38.82
N MET D 83 -14.89 -15.46 -39.95
CA MET D 83 -14.40 -15.02 -41.26
C MET D 83 -15.55 -15.00 -42.26
N THR D 84 -15.68 -13.89 -42.99
CA THR D 84 -16.79 -13.71 -43.93
C THR D 84 -16.25 -13.18 -45.25
N SER D 85 -17.02 -13.42 -46.31
CA SER D 85 -16.78 -12.90 -47.65
C SER D 85 -15.34 -13.16 -48.11
N LEU D 86 -14.99 -14.44 -48.15
CA LEU D 86 -13.65 -14.85 -48.54
C LEU D 86 -13.35 -14.47 -49.98
N ARG D 87 -12.30 -13.69 -50.19
CA ARG D 87 -11.82 -13.32 -51.51
C ARG D 87 -10.75 -14.32 -51.98
N SER D 88 -10.44 -14.25 -53.27
CA SER D 88 -9.43 -15.14 -53.84
C SER D 88 -8.07 -14.98 -53.19
N GLU D 89 -7.76 -13.80 -52.64
CA GLU D 89 -6.46 -13.56 -52.02
C GLU D 89 -6.37 -14.13 -50.60
N ASP D 90 -7.48 -14.59 -50.02
CA ASP D 90 -7.49 -15.02 -48.63
C ASP D 90 -7.02 -16.45 -48.43
N THR D 91 -6.63 -17.15 -49.50
CA THR D 91 -6.11 -18.50 -49.35
C THR D 91 -4.72 -18.45 -48.74
N ALA D 92 -4.53 -19.15 -47.63
CA ALA D 92 -3.27 -19.11 -46.90
C ALA D 92 -3.30 -20.17 -45.80
N MET D 93 -2.11 -20.50 -45.31
CA MET D 93 -1.99 -21.25 -44.07
C MET D 93 -1.95 -20.27 -42.90
N TYR D 94 -2.78 -20.50 -41.89
CA TYR D 94 -2.98 -19.54 -40.81
C TYR D 94 -2.35 -20.07 -39.53
N TYR D 95 -1.46 -19.29 -38.93
CA TYR D 95 -0.75 -19.68 -37.72
C TYR D 95 -1.26 -18.90 -36.51
N CYS D 96 -1.46 -19.61 -35.41
CA CYS D 96 -1.85 -19.00 -34.15
C CYS D 96 -0.58 -18.70 -33.35
N VAL D 97 -0.39 -17.43 -32.98
CA VAL D 97 0.86 -16.97 -32.37
C VAL D 97 0.54 -16.40 -31.00
N ARG D 98 1.21 -16.92 -29.98
CA ARG D 98 1.07 -16.33 -28.65
C ARG D 98 2.02 -15.15 -28.49
N SER D 99 1.73 -14.31 -27.50
CA SER D 99 2.63 -13.23 -27.12
C SER D 99 2.24 -12.75 -25.73
N ILE D 100 3.24 -12.24 -25.00
CA ILE D 100 3.02 -11.69 -23.67
C ILE D 100 3.89 -10.45 -23.51
N TYR D 101 3.32 -9.41 -22.92
CA TYR D 101 3.97 -8.09 -22.90
C TYR D 101 4.21 -7.62 -21.48
N TYR D 102 5.49 -7.49 -21.13
CA TYR D 102 5.95 -6.80 -19.94
C TYR D 102 7.43 -6.54 -20.12
N TYR D 103 8.01 -5.77 -19.21
CA TYR D 103 9.43 -5.44 -19.34
C TYR D 103 10.26 -6.71 -19.31
N GLY D 104 11.05 -6.92 -20.37
CA GLY D 104 11.86 -8.12 -20.49
C GLY D 104 11.14 -9.32 -21.06
N SER D 105 9.90 -9.16 -21.50
CA SER D 105 9.17 -10.26 -22.11
C SER D 105 9.62 -10.46 -23.55
N SER D 106 9.26 -11.62 -24.10
CA SER D 106 9.65 -12.02 -25.45
C SER D 106 8.41 -12.36 -26.25
N PRO D 107 7.82 -11.39 -26.95
CA PRO D 107 6.61 -11.66 -27.75
C PRO D 107 6.89 -12.64 -28.87
N PHE D 108 5.81 -13.23 -29.40
CA PHE D 108 5.83 -14.10 -30.57
C PHE D 108 6.73 -15.33 -30.37
N ASP D 109 6.89 -15.79 -29.14
CA ASP D 109 7.86 -16.83 -28.85
C ASP D 109 7.42 -18.23 -29.30
N PHE D 110 6.13 -18.47 -29.51
CA PHE D 110 5.67 -19.80 -29.87
C PHE D 110 4.54 -19.72 -30.90
N TRP D 111 4.59 -20.61 -31.88
CA TRP D 111 3.68 -20.61 -33.02
C TRP D 111 2.99 -21.97 -33.16
N GLY D 112 1.73 -21.94 -33.57
CA GLY D 112 0.98 -23.15 -33.86
C GLY D 112 1.44 -23.84 -35.13
N GLN D 113 0.80 -24.95 -35.50
CA GLN D 113 1.21 -25.68 -36.69
C GLN D 113 0.59 -25.13 -37.97
N GLY D 114 -0.57 -24.48 -37.86
CA GLY D 114 -1.19 -23.84 -39.02
C GLY D 114 -2.21 -24.69 -39.75
N THR D 115 -3.29 -24.05 -40.19
CA THR D 115 -4.36 -24.71 -40.94
C THR D 115 -4.42 -24.16 -42.36
N THR D 116 -4.44 -25.05 -43.34
CA THR D 116 -4.59 -24.63 -44.73
C THR D 116 -6.05 -24.32 -45.01
N LEU D 117 -6.35 -23.05 -45.30
CA LEU D 117 -7.67 -22.61 -45.73
C LEU D 117 -7.53 -22.03 -47.12
N THR D 118 -8.32 -22.57 -48.06
CA THR D 118 -8.22 -22.16 -49.45
C THR D 118 -9.61 -21.94 -50.02
N VAL D 119 -9.67 -21.18 -51.11
CA VAL D 119 -10.92 -20.83 -51.76
C VAL D 119 -10.80 -21.18 -53.24
N SER D 120 -11.91 -21.61 -53.83
CA SER D 120 -11.93 -22.02 -55.23
C SER D 120 -11.59 -20.85 -56.15
N SER D 136 0.08 4.36 -44.61
CA SER D 136 1.00 5.03 -43.71
C SER D 136 1.75 4.06 -42.78
N ASP D 137 1.48 2.77 -42.88
CA ASP D 137 2.12 1.78 -42.03
C ASP D 137 3.59 1.62 -42.39
N ILE D 138 4.37 1.14 -41.41
CA ILE D 138 5.78 0.91 -41.63
C ILE D 138 5.97 -0.24 -42.60
N VAL D 139 6.77 -0.02 -43.64
CA VAL D 139 7.02 -1.02 -44.67
C VAL D 139 8.38 -1.67 -44.41
N MET D 140 8.42 -2.99 -44.54
CA MET D 140 9.62 -3.76 -44.23
C MET D 140 10.16 -4.35 -45.52
N THR D 141 11.46 -4.19 -45.75
CA THR D 141 12.07 -4.62 -47.01
C THR D 141 13.40 -5.31 -46.74
N GLN D 142 13.65 -6.40 -47.45
CA GLN D 142 14.92 -7.12 -47.40
C GLN D 142 15.59 -7.02 -48.76
N ALA D 143 16.87 -6.63 -48.75
CA ALA D 143 17.61 -6.39 -49.98
C ALA D 143 17.98 -7.67 -50.74
N THR D 144 17.79 -8.84 -50.16
CA THR D 144 18.20 -10.09 -50.79
C THR D 144 17.07 -11.10 -50.71
N SER D 145 16.93 -11.91 -51.76
CA SER D 145 15.93 -12.97 -51.82
C SER D 145 16.49 -14.34 -51.50
N SER D 146 17.67 -14.69 -52.03
CA SER D 146 18.26 -15.99 -51.80
C SER D 146 19.75 -15.84 -51.52
N VAL D 147 20.26 -16.63 -50.58
CA VAL D 147 21.69 -16.66 -50.26
C VAL D 147 22.18 -18.10 -50.21
N PRO D 148 22.84 -18.59 -51.27
CA PRO D 148 23.47 -19.91 -51.18
C PRO D 148 24.60 -19.91 -50.16
N VAL D 149 24.63 -20.93 -49.31
CA VAL D 149 25.58 -20.99 -48.20
C VAL D 149 25.83 -22.45 -47.84
N THR D 150 26.98 -22.70 -47.22
CA THR D 150 27.44 -24.03 -46.85
C THR D 150 27.84 -24.03 -45.38
N PRO D 151 27.82 -25.20 -44.73
CA PRO D 151 28.12 -25.24 -43.30
C PRO D 151 29.55 -24.83 -42.99
N GLY D 152 29.76 -24.44 -41.73
CA GLY D 152 31.06 -24.01 -41.25
C GLY D 152 31.37 -22.56 -41.52
N GLU D 153 30.91 -22.04 -42.64
CA GLU D 153 31.07 -20.62 -42.94
C GLU D 153 30.04 -19.79 -42.20
N SER D 154 30.35 -18.51 -42.04
CA SER D 154 29.37 -17.57 -41.48
C SER D 154 28.42 -17.08 -42.56
N VAL D 155 27.25 -16.61 -42.13
CA VAL D 155 26.22 -16.11 -43.04
C VAL D 155 25.68 -14.80 -42.49
N SER D 156 25.08 -14.01 -43.38
CA SER D 156 24.52 -12.72 -43.00
C SER D 156 23.21 -12.48 -43.76
N ILE D 157 22.24 -11.92 -43.05
CA ILE D 157 20.97 -11.48 -43.64
C ILE D 157 20.69 -10.08 -43.12
N SER D 158 20.13 -9.23 -43.98
CA SER D 158 19.94 -7.83 -43.64
C SER D 158 18.53 -7.40 -44.01
N CYS D 159 18.03 -6.39 -43.29
CA CYS D 159 16.67 -5.92 -43.47
C CYS D 159 16.64 -4.42 -43.18
N ARG D 160 15.65 -3.74 -43.78
CA ARG D 160 15.55 -2.28 -43.66
C ARG D 160 14.11 -1.88 -43.37
N SER D 161 13.95 -0.67 -42.84
CA SER D 161 12.65 -0.13 -42.47
C SER D 161 12.47 1.27 -43.06
N SER D 162 11.21 1.60 -43.40
CA SER D 162 10.93 2.94 -43.88
C SER D 162 11.02 3.98 -42.76
N LYS D 163 10.69 3.59 -41.53
CA LYS D 163 10.77 4.48 -40.38
C LYS D 163 11.71 3.88 -39.35
N SER D 164 12.40 4.74 -38.60
CA SER D 164 13.33 4.26 -37.60
C SER D 164 12.57 3.55 -36.49
N LEU D 165 12.99 2.32 -36.19
CA LEU D 165 12.32 1.52 -35.17
C LEU D 165 12.81 1.82 -33.77
N LEU D 166 13.91 2.55 -33.62
CA LEU D 166 14.45 2.87 -32.31
C LEU D 166 13.58 3.94 -31.67
N HIS D 167 12.64 3.49 -30.83
CA HIS D 167 11.76 4.42 -30.14
C HIS D 167 12.55 5.21 -29.11
N SER D 168 11.98 6.35 -28.69
CA SER D 168 12.67 7.25 -27.77
C SER D 168 12.97 6.62 -26.42
N ASN D 169 12.23 5.58 -26.04
CA ASN D 169 12.45 4.92 -24.76
C ASN D 169 13.64 3.96 -24.78
N GLY D 170 14.34 3.83 -25.91
CA GLY D 170 15.53 3.03 -26.02
C GLY D 170 15.35 1.65 -26.63
N ASN D 171 14.13 1.15 -26.72
CA ASN D 171 13.90 -0.12 -27.39
C ASN D 171 13.84 0.06 -28.90
N THR D 172 14.43 -0.87 -29.63
CA THR D 172 14.25 -0.97 -31.08
C THR D 172 13.51 -2.27 -31.35
N TYR D 173 12.37 -2.18 -32.03
CA TYR D 173 11.39 -3.25 -32.05
C TYR D 173 11.47 -4.15 -33.27
N LEU D 174 12.66 -4.34 -33.84
CA LEU D 174 12.80 -5.30 -34.93
C LEU D 174 12.82 -6.72 -34.38
N TYR D 175 12.17 -7.64 -35.10
CA TYR D 175 12.12 -9.05 -34.74
C TYR D 175 12.57 -9.90 -35.93
N TRP D 176 13.18 -11.05 -35.63
CA TRP D 176 13.63 -11.99 -36.64
C TRP D 176 13.06 -13.37 -36.36
N PHE D 177 12.45 -13.97 -37.38
CA PHE D 177 11.92 -15.32 -37.31
C PHE D 177 12.60 -16.22 -38.32
N LEU D 178 12.85 -17.46 -37.92
CA LEU D 178 13.34 -18.49 -38.82
C LEU D 178 12.22 -19.48 -39.13
N GLN D 179 11.95 -19.69 -40.41
CA GLN D 179 11.00 -20.70 -40.85
C GLN D 179 11.76 -21.79 -41.59
N ARG D 180 11.78 -22.98 -41.02
CA ARG D 180 12.35 -24.13 -41.71
C ARG D 180 11.36 -24.70 -42.72
N PRO D 181 11.84 -25.33 -43.78
CA PRO D 181 10.92 -25.88 -44.79
C PRO D 181 10.01 -26.94 -44.19
N GLY D 182 8.71 -26.79 -44.45
CA GLY D 182 7.73 -27.72 -43.94
C GLY D 182 7.34 -27.54 -42.49
N GLN D 183 7.73 -26.43 -41.86
CA GLN D 183 7.43 -26.20 -40.45
C GLN D 183 7.00 -24.75 -40.26
N SER D 184 6.40 -24.50 -39.10
CA SER D 184 5.98 -23.16 -38.71
C SER D 184 7.17 -22.32 -38.24
N PRO D 185 7.05 -21.00 -38.27
CA PRO D 185 8.16 -20.13 -37.88
C PRO D 185 8.51 -20.29 -36.40
N GLN D 186 9.74 -19.89 -36.07
CA GLN D 186 10.22 -19.87 -34.70
C GLN D 186 10.96 -18.56 -34.47
N LEU D 187 10.87 -18.04 -33.24
CA LEU D 187 11.57 -16.80 -32.90
C LEU D 187 13.06 -17.05 -32.73
N LEU D 188 13.87 -16.14 -33.27
CA LEU D 188 15.32 -16.22 -33.12
C LEU D 188 15.91 -15.00 -32.43
N ILE D 189 15.63 -13.80 -32.92
CA ILE D 189 16.11 -12.55 -32.34
C ILE D 189 14.91 -11.64 -32.12
N TYR D 190 14.81 -11.06 -30.93
CA TYR D 190 13.75 -10.11 -30.63
C TYR D 190 14.33 -8.82 -30.09
N ARG D 191 13.67 -7.72 -30.43
CA ARG D 191 14.18 -6.36 -30.22
C ARG D 191 15.62 -6.20 -30.68
N MET D 192 15.96 -6.85 -31.78
CA MET D 192 17.14 -6.61 -32.61
C MET D 192 18.47 -6.76 -31.89
N SER D 193 18.47 -7.15 -30.61
CA SER D 193 19.74 -7.50 -29.97
C SER D 193 19.62 -8.76 -29.13
N ASN D 194 18.44 -8.99 -28.58
CA ASN D 194 18.24 -10.08 -27.63
C ASN D 194 18.15 -11.42 -28.33
N LEU D 195 18.63 -12.47 -27.67
CA LEU D 195 18.55 -13.83 -28.19
C LEU D 195 17.33 -14.53 -27.59
N ALA D 196 16.54 -15.16 -28.46
CA ALA D 196 15.33 -15.83 -28.01
C ALA D 196 15.66 -16.97 -27.06
N SER D 197 14.67 -17.35 -26.25
CA SER D 197 14.85 -18.49 -25.35
C SER D 197 14.99 -19.78 -26.15
N GLY D 198 16.03 -20.56 -25.82
CA GLY D 198 16.19 -21.89 -26.35
C GLY D 198 16.84 -22.00 -27.71
N VAL D 199 17.18 -20.88 -28.36
CA VAL D 199 17.86 -20.96 -29.64
C VAL D 199 19.37 -20.97 -29.39
N PRO D 200 20.16 -21.74 -30.18
CA PRO D 200 21.58 -21.79 -29.97
C PRO D 200 22.20 -20.40 -29.97
N ASP D 201 23.44 -20.30 -29.52
CA ASP D 201 24.16 -19.04 -29.43
C ASP D 201 24.74 -18.60 -30.78
N ARG D 202 24.56 -19.39 -31.84
CA ARG D 202 25.19 -19.07 -33.11
C ARG D 202 24.69 -17.76 -33.69
N PHE D 203 23.45 -17.37 -33.40
CA PHE D 203 22.83 -16.20 -34.00
C PHE D 203 23.14 -14.93 -33.20
N SER D 204 23.12 -13.79 -33.89
CA SER D 204 23.38 -12.50 -33.24
C SER D 204 22.79 -11.39 -34.08
N GLY D 205 21.89 -10.61 -33.49
CA GLY D 205 21.34 -9.45 -34.16
C GLY D 205 22.21 -8.22 -33.99
N SER D 206 22.05 -7.26 -34.90
CA SER D 206 22.81 -6.02 -34.87
C SER D 206 22.09 -4.96 -35.69
N GLY D 207 22.57 -3.74 -35.59
CA GLY D 207 22.07 -2.62 -36.35
C GLY D 207 21.35 -1.60 -35.47
N SER D 208 20.96 -0.50 -36.12
CA SER D 208 20.29 0.60 -35.43
C SER D 208 19.54 1.43 -36.46
N GLY D 209 18.61 2.24 -35.96
CA GLY D 209 17.86 3.15 -36.83
C GLY D 209 16.96 2.45 -37.82
N THR D 210 17.33 2.50 -39.10
CA THR D 210 16.50 1.95 -40.17
C THR D 210 17.13 0.76 -40.87
N ALA D 211 18.30 0.30 -40.43
CA ALA D 211 18.97 -0.84 -41.06
C ALA D 211 19.33 -1.85 -39.99
N PHE D 212 19.06 -3.14 -40.27
CA PHE D 212 19.27 -4.20 -39.29
C PHE D 212 19.95 -5.38 -39.97
N THR D 213 20.71 -6.14 -39.18
CA THR D 213 21.44 -7.30 -39.69
C THR D 213 21.40 -8.42 -38.67
N LEU D 214 21.15 -9.64 -39.15
CA LEU D 214 21.24 -10.85 -38.35
C LEU D 214 22.44 -11.65 -38.83
N THR D 215 23.39 -11.89 -37.92
CA THR D 215 24.62 -12.60 -38.25
C THR D 215 24.57 -14.02 -37.71
N ILE D 216 24.95 -14.98 -38.55
CA ILE D 216 25.01 -16.39 -38.16
C ILE D 216 26.48 -16.81 -38.18
N SER D 217 26.97 -17.28 -37.03
CA SER D 217 28.37 -17.69 -36.89
C SER D 217 28.46 -19.20 -36.84
N ARG D 218 29.40 -19.75 -37.61
CA ARG D 218 29.64 -21.19 -37.67
C ARG D 218 28.35 -21.94 -38.02
N LEU D 219 27.85 -21.66 -39.23
CA LEU D 219 26.56 -22.19 -39.67
C LEU D 219 26.56 -23.71 -39.68
N GLU D 220 25.45 -24.30 -39.26
CA GLU D 220 25.19 -25.71 -39.41
C GLU D 220 23.94 -25.90 -40.26
N ALA D 221 23.79 -27.12 -40.82
CA ALA D 221 22.69 -27.39 -41.73
C ALA D 221 21.32 -27.27 -41.06
N GLU D 222 21.26 -27.26 -39.74
CA GLU D 222 19.99 -27.11 -39.04
C GLU D 222 19.33 -25.75 -39.26
N ASP D 223 20.05 -24.76 -39.76
CA ASP D 223 19.55 -23.39 -39.87
C ASP D 223 19.10 -23.03 -41.29
N VAL D 224 18.96 -24.02 -42.18
CA VAL D 224 18.47 -23.74 -43.52
C VAL D 224 17.00 -23.35 -43.45
N GLY D 225 16.62 -22.30 -44.17
CA GLY D 225 15.24 -21.86 -44.20
C GLY D 225 15.15 -20.39 -44.59
N VAL D 226 13.96 -19.83 -44.37
CA VAL D 226 13.65 -18.45 -44.73
C VAL D 226 13.61 -17.61 -43.47
N TYR D 227 14.33 -16.49 -43.49
CA TYR D 227 14.41 -15.58 -42.34
C TYR D 227 13.57 -14.35 -42.61
N TYR D 228 12.56 -14.11 -41.76
CA TYR D 228 11.69 -12.95 -41.90
C TYR D 228 12.01 -11.90 -40.83
N CYS D 229 12.26 -10.68 -41.27
CA CYS D 229 12.36 -9.57 -40.35
C CYS D 229 10.97 -8.96 -40.12
N MET D 230 10.76 -8.46 -38.91
CA MET D 230 9.46 -7.94 -38.51
C MET D 230 9.67 -6.74 -37.60
N GLN D 231 8.74 -5.79 -37.66
CA GLN D 231 8.70 -4.65 -36.78
C GLN D 231 7.51 -4.76 -35.86
N HIS D 232 7.65 -4.22 -34.64
CA HIS D 232 6.56 -4.18 -33.67
C HIS D 232 6.28 -2.77 -33.20
N LEU D 233 6.84 -1.76 -33.87
CA LEU D 233 6.72 -0.39 -33.40
C LEU D 233 5.29 0.14 -33.49
N GLU D 234 4.50 -0.35 -34.45
CA GLU D 234 3.13 0.10 -34.58
C GLU D 234 2.31 -0.95 -35.31
N TYR D 235 1.02 -1.02 -34.94
CA TYR D 235 0.08 -1.87 -35.63
C TYR D 235 -0.42 -1.20 -36.91
N PRO D 236 -0.64 -1.95 -37.99
CA PRO D 236 -0.46 -3.40 -38.16
C PRO D 236 1.01 -3.78 -38.32
N LEU D 237 1.40 -4.93 -37.79
CA LEU D 237 2.78 -5.39 -37.92
C LEU D 237 3.05 -5.88 -39.34
N THR D 238 4.29 -5.73 -39.77
CA THR D 238 4.65 -6.03 -41.15
C THR D 238 5.90 -6.90 -41.19
N PHE D 239 5.88 -7.91 -42.05
CA PHE D 239 7.01 -8.81 -42.24
C PHE D 239 7.73 -8.49 -43.54
N GLY D 240 9.05 -8.69 -43.54
CA GLY D 240 9.79 -8.62 -44.77
C GLY D 240 9.49 -9.77 -45.71
N ALA D 241 9.94 -9.64 -46.95
CA ALA D 241 9.67 -10.66 -47.97
C ALA D 241 10.37 -11.98 -47.69
N GLY D 242 11.36 -12.00 -46.80
CA GLY D 242 12.00 -13.24 -46.44
C GLY D 242 13.21 -13.59 -47.28
N THR D 243 14.33 -13.86 -46.62
CA THR D 243 15.59 -14.24 -47.27
C THR D 243 15.82 -15.73 -47.08
N LYS D 244 15.91 -16.47 -48.18
CA LYS D 244 16.12 -17.91 -48.14
C LYS D 244 17.60 -18.21 -48.02
N LEU D 245 18.03 -18.70 -46.84
CA LEU D 245 19.39 -19.20 -46.66
C LEU D 245 19.39 -20.65 -47.11
N GLU D 246 19.85 -20.89 -48.34
CA GLU D 246 19.69 -22.17 -49.01
C GLU D 246 21.02 -22.92 -49.03
N LEU D 247 20.96 -24.20 -48.67
CA LEU D 247 22.16 -25.03 -48.56
C LEU D 247 22.76 -25.29 -49.93
N HIS E 65 -46.82 50.95 3.07
CA HIS E 65 -45.61 50.23 2.67
C HIS E 65 -45.97 49.19 1.62
N PHE E 66 -45.24 49.21 0.50
CA PHE E 66 -45.60 48.39 -0.64
C PHE E 66 -44.35 48.12 -1.48
N LEU E 67 -44.37 46.99 -2.18
CA LEU E 67 -43.38 46.69 -3.20
C LEU E 67 -44.05 45.82 -4.26
N GLU E 68 -43.71 46.07 -5.52
CA GLU E 68 -44.27 45.33 -6.65
C GLU E 68 -43.15 44.53 -7.30
N ILE E 69 -43.32 43.22 -7.40
CA ILE E 69 -42.33 42.35 -8.02
C ILE E 69 -43.07 41.24 -8.75
N ASP E 70 -42.60 40.93 -9.96
CA ASP E 70 -43.20 39.88 -10.79
C ASP E 70 -44.70 40.10 -10.99
N LYS E 71 -45.09 41.36 -11.14
CA LYS E 71 -46.47 41.80 -11.28
C LYS E 71 -47.34 41.43 -10.07
N LYS E 72 -46.73 41.08 -8.94
CA LYS E 72 -47.46 40.71 -7.73
C LYS E 72 -47.28 41.78 -6.67
N ASN E 73 -48.37 42.13 -5.99
CA ASN E 73 -48.29 43.05 -4.87
C ASN E 73 -47.58 42.39 -3.69
N CYS E 74 -46.70 43.15 -3.03
CA CYS E 74 -45.94 42.65 -1.90
C CYS E 74 -45.73 43.80 -0.93
N CYS E 75 -45.36 43.47 0.31
CA CYS E 75 -45.17 44.47 1.34
C CYS E 75 -43.79 44.32 1.98
N VAL E 76 -43.16 45.47 2.25
CA VAL E 76 -41.80 45.52 2.78
C VAL E 76 -41.74 46.68 3.77
N PHE E 77 -40.99 46.48 4.86
CA PHE E 77 -40.88 47.44 5.95
C PHE E 77 -39.42 47.76 6.19
N ARG E 78 -39.17 48.88 6.86
CA ARG E 78 -37.80 49.30 7.16
C ARG E 78 -37.70 49.83 8.59
N ASP E 79 -38.43 49.21 9.51
CA ASP E 79 -38.47 49.66 10.90
C ASP E 79 -37.08 49.63 11.54
N ASP E 80 -36.74 50.71 12.26
CA ASP E 80 -35.39 50.94 12.75
C ASP E 80 -34.88 49.87 13.73
N PHE E 81 -35.78 49.09 14.34
CA PHE E 81 -35.35 48.09 15.31
C PHE E 81 -34.42 47.05 14.70
N ILE E 82 -34.46 46.86 13.37
CA ILE E 82 -33.57 45.89 12.74
C ILE E 82 -32.12 46.28 12.94
N VAL E 83 -31.77 47.55 12.66
CA VAL E 83 -30.39 47.98 12.81
C VAL E 83 -30.02 48.15 14.28
N LYS E 84 -31.02 48.27 15.16
CA LYS E 84 -30.73 48.33 16.59
C LYS E 84 -30.37 46.95 17.15
N VAL E 85 -31.09 45.92 16.73
CA VAL E 85 -31.02 44.61 17.38
C VAL E 85 -30.17 43.62 16.61
N LEU E 86 -30.36 43.53 15.30
CA LEU E 86 -29.65 42.47 14.53
C LEU E 86 -28.14 42.63 14.59
N PRO E 87 -27.55 43.79 14.28
CA PRO E 87 -26.08 43.85 14.10
C PRO E 87 -25.30 43.33 15.31
N PRO E 88 -25.69 43.64 16.56
CA PRO E 88 -24.95 43.02 17.68
C PRO E 88 -25.03 41.50 17.70
N VAL E 89 -26.20 40.93 17.41
CA VAL E 89 -26.36 39.48 17.46
C VAL E 89 -25.54 38.83 16.36
N LEU E 90 -25.67 39.32 15.13
CA LEU E 90 -24.96 38.71 14.03
C LEU E 90 -23.46 38.95 14.15
N GLY E 91 -23.07 40.07 14.78
CA GLY E 91 -21.66 40.30 15.06
C GLY E 91 -21.08 39.33 16.06
N LEU E 92 -21.83 39.03 17.12
CA LEU E 92 -21.38 38.02 18.07
C LEU E 92 -21.28 36.65 17.40
N GLU E 93 -22.28 36.31 16.58
CA GLU E 93 -22.22 35.05 15.85
C GLU E 93 -21.03 35.02 14.89
N PHE E 94 -20.76 36.14 14.22
CA PHE E 94 -19.62 36.22 13.33
C PHE E 94 -18.32 36.00 14.09
N ILE E 95 -18.18 36.64 15.26
CA ILE E 95 -16.96 36.49 16.05
C ILE E 95 -16.77 35.03 16.45
N PHE E 96 -17.82 34.42 17.02
CA PHE E 96 -17.71 33.04 17.50
C PHE E 96 -17.42 32.09 16.35
N GLY E 97 -18.18 32.19 15.26
CA GLY E 97 -17.97 31.31 14.13
C GLY E 97 -16.62 31.52 13.46
N LEU E 98 -16.24 32.77 13.26
CA LEU E 98 -14.95 33.05 12.65
C LEU E 98 -13.83 32.43 13.46
N LEU E 99 -13.82 32.65 14.78
CA LEU E 99 -12.71 32.11 15.55
C LEU E 99 -12.72 30.59 15.58
N GLY E 100 -13.86 29.99 15.94
CA GLY E 100 -13.90 28.54 16.10
C GLY E 100 -13.70 27.81 14.80
N ASN E 101 -14.48 28.16 13.78
CA ASN E 101 -14.40 27.46 12.51
C ASN E 101 -13.12 27.82 11.76
N GLY E 102 -12.59 29.03 11.94
CA GLY E 102 -11.29 29.33 11.36
C GLY E 102 -10.19 28.46 11.93
N LEU E 103 -10.17 28.31 13.26
CA LEU E 103 -9.16 27.43 13.85
C LEU E 103 -9.39 25.99 13.44
N ALA E 104 -10.65 25.59 13.26
CA ALA E 104 -10.94 24.22 12.80
C ALA E 104 -10.42 23.99 11.38
N LEU E 105 -10.68 24.93 10.46
CA LEU E 105 -10.15 24.82 9.10
C LEU E 105 -8.63 24.87 9.11
N TRP E 106 -8.03 25.71 9.96
CA TRP E 106 -6.58 25.76 10.08
C TRP E 106 -6.03 24.39 10.48
N ILE E 107 -6.65 23.75 11.47
CA ILE E 107 -6.22 22.43 11.89
C ILE E 107 -6.35 21.44 10.74
N PHE E 108 -7.52 21.42 10.10
CA PHE E 108 -7.77 20.46 9.03
C PHE E 108 -6.86 20.66 7.82
N CYS E 109 -6.37 21.89 7.63
CA CYS E 109 -5.56 22.18 6.45
C CYS E 109 -4.07 22.02 6.69
N PHE E 110 -3.56 22.42 7.86
CA PHE E 110 -2.12 22.38 8.07
C PHE E 110 -1.66 21.74 9.37
N HIS E 111 -2.55 21.50 10.35
CA HIS E 111 -2.14 20.73 11.52
C HIS E 111 -2.28 19.24 11.25
N SER E 114 -6.81 15.00 6.10
CA SER E 114 -7.96 14.11 5.94
C SER E 114 -7.50 12.70 5.62
N TRP E 115 -8.06 11.72 6.34
CA TRP E 115 -7.68 10.33 6.15
C TRP E 115 -8.88 9.38 6.20
N LYS E 116 -10.08 9.91 6.43
CA LYS E 116 -11.25 9.07 6.65
C LYS E 116 -12.48 9.70 6.01
N SER E 117 -13.44 8.86 5.64
CA SER E 117 -14.65 9.34 4.99
C SER E 117 -15.50 10.23 5.90
N SER E 118 -15.61 9.87 7.18
CA SER E 118 -16.34 10.74 8.11
C SER E 118 -15.64 12.09 8.25
N ARG E 119 -14.31 12.07 8.27
CA ARG E 119 -13.56 13.33 8.24
C ARG E 119 -13.81 14.09 6.96
N ILE E 120 -14.01 13.40 5.84
CA ILE E 120 -14.34 14.07 4.58
C ILE E 120 -15.68 14.78 4.70
N PHE E 121 -16.68 14.11 5.26
CA PHE E 121 -17.99 14.73 5.42
C PHE E 121 -17.92 15.93 6.35
N LEU E 122 -17.19 15.80 7.46
CA LEU E 122 -16.99 16.94 8.36
C LEU E 122 -16.25 18.06 7.66
N PHE E 123 -15.31 17.71 6.79
CA PHE E 123 -14.58 18.70 5.99
C PHE E 123 -15.52 19.49 5.09
N ASN E 124 -16.44 18.79 4.42
CA ASN E 124 -17.44 19.48 3.58
C ASN E 124 -18.30 20.43 4.41
N LEU E 125 -18.77 19.95 5.56
CA LEU E 125 -19.58 20.80 6.45
C LEU E 125 -18.79 22.04 6.87
N ALA E 126 -17.55 21.83 7.31
CA ALA E 126 -16.73 22.93 7.79
C ALA E 126 -16.44 23.93 6.68
N VAL E 127 -16.21 23.45 5.45
CA VAL E 127 -15.96 24.35 4.34
C VAL E 127 -17.19 25.19 4.01
N ALA E 128 -18.36 24.55 3.98
CA ALA E 128 -19.59 25.31 3.75
C ALA E 128 -19.76 26.39 4.81
N ASP E 129 -19.55 26.03 6.07
CA ASP E 129 -19.66 27.01 7.14
C ASP E 129 -18.59 28.10 7.00
N PHE E 130 -17.40 27.74 6.51
CA PHE E 130 -16.34 28.71 6.31
C PHE E 130 -16.71 29.74 5.25
N LEU E 131 -17.30 29.27 4.15
CA LEU E 131 -17.78 30.21 3.14
C LEU E 131 -18.85 31.13 3.71
N LEU E 132 -19.78 30.56 4.49
CA LEU E 132 -20.85 31.39 5.05
C LEU E 132 -20.30 32.44 6.01
N ILE E 133 -19.41 32.04 6.92
CA ILE E 133 -18.84 32.98 7.88
C ILE E 133 -18.04 34.06 7.14
N ILE E 134 -17.33 33.67 6.08
CA ILE E 134 -16.65 34.66 5.26
C ILE E 134 -17.64 35.61 4.60
N CYS E 135 -18.87 35.15 4.37
CA CYS E 135 -19.86 35.99 3.71
C CYS E 135 -20.62 36.94 4.65
N LEU E 136 -20.68 36.63 5.95
CA LEU E 136 -21.45 37.47 6.87
C LEU E 136 -21.14 38.98 6.88
N PRO E 137 -19.90 39.45 6.77
CA PRO E 137 -19.68 40.91 6.88
C PRO E 137 -20.49 41.72 5.89
N PHE E 138 -20.88 41.12 4.76
CA PHE E 138 -21.80 41.79 3.86
C PHE E 138 -23.21 41.85 4.47
N LEU E 139 -23.53 40.88 5.32
CA LEU E 139 -24.81 41.01 6.04
C LEU E 139 -24.61 42.21 6.97
N MET E 140 -23.49 42.23 7.68
CA MET E 140 -23.21 43.38 8.57
C MET E 140 -23.52 44.66 7.80
N ASP E 141 -22.78 44.91 6.71
CA ASP E 141 -22.98 46.16 5.93
C ASP E 141 -24.46 46.29 5.61
N ASN E 142 -25.01 45.30 4.91
CA ASN E 142 -26.43 45.37 4.49
C ASN E 142 -27.32 45.93 5.61
N TYR E 143 -27.22 45.36 6.80
CA TYR E 143 -28.13 45.77 7.88
C TYR E 143 -27.69 47.03 8.62
N VAL E 144 -26.39 47.34 8.68
CA VAL E 144 -26.04 48.65 9.22
C VAL E 144 -26.50 49.76 8.27
N ARG E 145 -26.72 49.43 6.94
CA ARG E 145 -27.27 50.31 5.92
C ARG E 145 -28.80 50.38 5.94
N ARG E 146 -29.43 49.64 6.85
CA ARG E 146 -30.90 49.58 6.94
C ARG E 146 -31.50 49.18 5.59
N TRP E 147 -30.98 48.09 5.01
CA TRP E 147 -31.54 47.54 3.74
C TRP E 147 -31.24 48.45 2.54
N ASP E 148 -30.36 49.45 2.69
CA ASP E 148 -29.94 50.24 1.53
C ASP E 148 -28.71 49.57 0.93
N TRP E 149 -28.94 48.70 -0.05
CA TRP E 149 -27.87 47.91 -0.67
C TRP E 149 -27.13 48.76 -1.69
N LYS E 150 -26.00 49.34 -1.27
CA LYS E 150 -25.24 50.24 -2.13
C LYS E 150 -24.46 49.52 -3.21
N PHE E 151 -24.07 48.26 -3.01
CA PHE E 151 -23.21 47.57 -3.96
C PHE E 151 -23.92 47.10 -5.23
N GLY E 152 -25.24 47.12 -5.26
CA GLY E 152 -25.96 46.90 -6.51
C GLY E 152 -26.10 45.45 -6.93
N ASP E 153 -26.39 45.28 -8.22
CA ASP E 153 -26.97 44.07 -8.81
C ASP E 153 -26.10 42.83 -8.59
N ILE E 154 -24.90 42.82 -9.17
CA ILE E 154 -24.09 41.60 -9.14
C ILE E 154 -23.68 41.20 -7.72
N PRO E 155 -23.18 42.11 -6.87
CA PRO E 155 -22.95 41.71 -5.47
C PRO E 155 -24.21 41.22 -4.78
N CYS E 156 -25.36 41.83 -5.07
CA CYS E 156 -26.61 41.41 -4.44
C CYS E 156 -26.94 39.96 -4.78
N ARG E 157 -26.96 39.64 -6.07
CA ARG E 157 -27.35 38.30 -6.48
C ARG E 157 -26.32 37.26 -6.05
N LEU E 158 -25.02 37.59 -6.18
CA LEU E 158 -24.00 36.66 -5.73
C LEU E 158 -24.10 36.42 -4.23
N MET E 159 -24.34 37.49 -3.45
CA MET E 159 -24.52 37.36 -2.02
C MET E 159 -25.68 36.43 -1.68
N LEU E 160 -26.84 36.70 -2.28
CA LEU E 160 -28.08 35.93 -2.01
C LEU E 160 -27.87 34.46 -2.35
N PHE E 161 -27.20 34.15 -3.45
CA PHE E 161 -26.91 32.73 -3.70
C PHE E 161 -26.02 32.25 -2.58
N MET E 162 -24.89 32.92 -2.41
CA MET E 162 -23.92 32.40 -1.47
C MET E 162 -24.57 31.97 -0.16
N LEU E 163 -25.41 32.83 0.38
CA LEU E 163 -25.98 32.40 1.66
C LEU E 163 -26.80 31.17 1.36
N ALA E 164 -27.75 31.29 0.46
CA ALA E 164 -28.69 30.18 0.27
C ALA E 164 -27.95 28.86 0.11
N MET E 165 -26.95 28.83 -0.78
CA MET E 165 -26.23 27.59 -1.06
C MET E 165 -25.48 27.11 0.19
N ASN E 166 -24.83 28.03 0.90
CA ASN E 166 -24.04 27.61 2.05
C ASN E 166 -24.92 27.11 3.19
N ARG E 167 -26.04 27.79 3.45
CA ARG E 167 -26.97 27.27 4.49
C ARG E 167 -27.42 25.87 4.06
N GLN E 168 -28.13 25.78 2.96
CA GLN E 168 -28.54 24.40 2.65
C GLN E 168 -27.32 23.46 2.80
N GLY E 169 -26.17 23.68 2.13
CA GLY E 169 -25.08 22.74 2.23
C GLY E 169 -24.76 22.35 3.66
N SER E 170 -24.72 23.34 4.56
CA SER E 170 -24.47 23.04 5.96
C SER E 170 -25.54 22.10 6.52
N ILE E 171 -26.80 22.36 6.19
CA ILE E 171 -27.87 21.51 6.70
C ILE E 171 -27.72 20.09 6.17
N ILE E 172 -27.50 19.95 4.86
CA ILE E 172 -27.47 18.59 4.28
C ILE E 172 -26.21 17.85 4.69
N PHE E 173 -25.10 18.57 4.84
CA PHE E 173 -23.96 17.79 5.32
C PHE E 173 -24.35 17.34 6.72
N LEU E 174 -24.71 18.26 7.60
CA LEU E 174 -25.01 17.83 8.97
C LEU E 174 -25.87 16.57 8.97
N THR E 175 -26.89 16.53 8.11
CA THR E 175 -27.72 15.33 7.99
C THR E 175 -26.91 14.14 7.51
N VAL E 176 -25.98 14.36 6.56
CA VAL E 176 -25.16 13.26 6.06
C VAL E 176 -24.21 12.76 7.14
N VAL E 177 -23.69 13.65 7.99
CA VAL E 177 -22.86 13.20 9.10
C VAL E 177 -23.68 12.36 10.08
N ALA E 178 -24.92 12.78 10.34
CA ALA E 178 -25.76 12.01 11.25
C ALA E 178 -26.08 10.63 10.69
N VAL E 179 -26.39 10.55 9.40
CA VAL E 179 -26.70 9.24 8.81
C VAL E 179 -25.44 8.39 8.71
N ASP E 180 -24.27 9.02 8.53
CA ASP E 180 -23.01 8.30 8.60
C ASP E 180 -22.84 7.67 9.96
N ARG E 181 -23.00 8.46 11.03
CA ARG E 181 -22.92 7.91 12.39
C ARG E 181 -23.95 6.81 12.60
N TYR E 182 -25.12 6.94 11.98
CA TYR E 182 -26.13 5.88 12.06
C TYR E 182 -25.57 4.58 11.50
N PHE E 183 -25.11 4.58 10.26
CA PHE E 183 -24.54 3.36 9.70
C PHE E 183 -23.32 2.89 10.48
N ARG E 184 -22.57 3.81 11.08
CA ARG E 184 -21.36 3.44 11.81
C ARG E 184 -21.65 2.80 13.16
N VAL E 185 -22.86 2.99 13.71
CA VAL E 185 -23.08 2.53 15.08
C VAL E 185 -24.23 1.52 15.20
N VAL E 186 -25.20 1.55 14.28
CA VAL E 186 -26.27 0.56 14.36
C VAL E 186 -26.01 -0.62 13.42
N HIS E 187 -25.36 -0.40 12.29
CA HIS E 187 -24.95 -1.45 11.36
C HIS E 187 -23.44 -1.42 11.17
N PRO E 188 -22.68 -1.73 12.22
CA PRO E 188 -21.23 -1.47 12.18
C PRO E 188 -20.50 -2.20 11.06
N HIS E 189 -20.95 -3.39 10.68
CA HIS E 189 -20.26 -4.19 9.68
C HIS E 189 -20.62 -3.81 8.25
N HIS E 190 -21.64 -2.99 8.06
CA HIS E 190 -22.20 -2.76 6.72
C HIS E 190 -21.16 -2.08 5.83
N ALA E 191 -21.17 -2.47 4.55
CA ALA E 191 -20.12 -2.05 3.62
C ALA E 191 -20.06 -0.53 3.46
N LEU E 192 -21.15 0.17 3.75
CA LEU E 192 -21.14 1.63 3.64
C LEU E 192 -20.11 2.26 4.56
N ASN E 193 -19.75 1.58 5.64
CA ASN E 193 -18.70 2.07 6.53
C ASN E 193 -17.30 1.89 5.93
N LYS E 194 -17.17 1.15 4.83
CA LYS E 194 -15.88 0.84 4.24
C LYS E 194 -15.59 1.63 2.96
N ILE E 195 -16.42 2.61 2.61
CA ILE E 195 -16.19 3.36 1.38
C ILE E 195 -14.89 4.15 1.48
N SER E 196 -14.11 4.12 0.39
CA SER E 196 -12.80 4.75 0.36
C SER E 196 -12.92 6.28 0.35
N ASN E 197 -11.80 6.95 0.60
CA ASN E 197 -11.78 8.40 0.59
C ASN E 197 -12.16 8.97 -0.78
N ARG E 198 -11.82 8.26 -1.86
CA ARG E 198 -12.22 8.69 -3.20
C ARG E 198 -13.74 8.65 -3.36
N THR E 199 -14.37 7.60 -2.85
CA THR E 199 -15.83 7.52 -2.87
C THR E 199 -16.44 8.65 -2.05
N ALA E 200 -15.82 8.99 -0.92
CA ALA E 200 -16.27 10.12 -0.13
C ALA E 200 -16.14 11.42 -0.91
N ALA E 201 -15.06 11.57 -1.68
CA ALA E 201 -14.89 12.77 -2.49
C ALA E 201 -15.97 12.88 -3.57
N ILE E 202 -16.28 11.78 -4.24
CA ILE E 202 -17.30 11.83 -5.28
C ILE E 202 -18.69 12.08 -4.67
N ILE E 203 -18.98 11.48 -3.51
CA ILE E 203 -20.29 11.74 -2.92
C ILE E 203 -20.35 13.17 -2.38
N SER E 204 -19.24 13.71 -1.89
CA SER E 204 -19.20 15.12 -1.52
C SER E 204 -19.47 16.02 -2.73
N CYS E 205 -18.87 15.68 -3.87
CA CYS E 205 -19.14 16.44 -5.09
C CYS E 205 -20.61 16.35 -5.47
N LEU E 206 -21.22 15.17 -5.31
CA LEU E 206 -22.64 15.03 -5.62
C LEU E 206 -23.51 15.88 -4.69
N LEU E 207 -23.20 15.87 -3.39
CA LEU E 207 -23.96 16.72 -2.47
C LEU E 207 -23.75 18.21 -2.74
N TRP E 208 -22.53 18.60 -3.12
CA TRP E 208 -22.32 19.98 -3.57
C TRP E 208 -23.16 20.31 -4.79
N GLY E 209 -23.25 19.37 -5.73
CA GLY E 209 -24.16 19.54 -6.86
C GLY E 209 -25.59 19.73 -6.41
N ILE E 210 -26.01 18.99 -5.39
CA ILE E 210 -27.36 19.18 -4.83
C ILE E 210 -27.51 20.58 -4.25
N THR E 211 -26.49 21.06 -3.54
CA THR E 211 -26.54 22.43 -3.02
C THR E 211 -26.69 23.44 -4.16
N ILE E 212 -25.98 23.21 -5.26
CA ILE E 212 -25.96 24.19 -6.35
C ILE E 212 -27.29 24.18 -7.09
N GLY E 213 -27.71 23.01 -7.58
CA GLY E 213 -28.91 22.93 -8.40
C GLY E 213 -30.18 23.32 -7.67
N LEU E 214 -30.23 23.11 -6.36
CA LEU E 214 -31.44 23.37 -5.59
C LEU E 214 -31.64 24.86 -5.32
N THR E 215 -30.62 25.70 -5.59
CA THR E 215 -30.71 27.13 -5.34
C THR E 215 -30.21 27.99 -6.50
N VAL E 216 -29.78 27.38 -7.61
CA VAL E 216 -29.18 28.12 -8.71
C VAL E 216 -30.15 29.14 -9.30
N HIS E 217 -31.43 28.96 -9.04
CA HIS E 217 -32.46 29.87 -9.61
C HIS E 217 -32.27 31.26 -9.04
N LEU E 218 -31.74 31.31 -7.85
CA LEU E 218 -31.65 32.58 -7.14
C LEU E 218 -30.67 33.53 -7.80
N LEU E 219 -29.77 33.05 -8.65
CA LEU E 219 -28.94 33.94 -9.45
C LEU E 219 -29.72 34.60 -10.57
N LYS E 220 -30.75 33.92 -11.08
CA LYS E 220 -31.59 34.47 -12.14
C LYS E 220 -32.61 35.47 -11.60
N LYS E 221 -32.91 35.45 -10.30
CA LYS E 221 -33.87 36.38 -9.73
C LYS E 221 -33.36 37.81 -9.87
N LYS E 222 -34.14 38.63 -10.56
CA LYS E 222 -33.72 40.01 -10.83
C LYS E 222 -33.74 40.83 -9.55
N MET E 223 -32.68 41.61 -9.36
CA MET E 223 -32.48 42.44 -8.17
C MET E 223 -31.31 43.39 -8.44
N PRO E 224 -31.18 44.47 -7.67
CA PRO E 224 -32.01 44.93 -6.55
C PRO E 224 -33.25 45.70 -6.99
N ILE E 225 -34.15 46.00 -6.05
CA ILE E 225 -35.39 46.69 -6.33
C ILE E 225 -35.45 47.96 -5.50
N GLN E 226 -35.71 49.09 -6.16
CA GLN E 226 -35.91 50.35 -5.45
C GLN E 226 -37.21 50.29 -4.66
N ASN E 227 -37.11 50.43 -3.33
CA ASN E 227 -38.29 50.44 -2.47
C ASN E 227 -38.59 51.83 -1.92
N GLY E 228 -38.07 52.88 -2.56
CA GLY E 228 -38.23 54.23 -2.08
C GLY E 228 -36.91 54.97 -2.05
N GLY E 229 -36.51 55.42 -0.87
CA GLY E 229 -35.23 56.08 -0.70
C GLY E 229 -34.06 55.13 -0.57
N ALA E 230 -34.29 53.86 -0.93
CA ALA E 230 -33.27 52.83 -0.80
C ALA E 230 -33.46 51.80 -1.90
N ASN E 231 -32.46 50.91 -2.04
CA ASN E 231 -32.51 49.79 -2.97
C ASN E 231 -32.51 48.50 -2.17
N LEU E 232 -33.58 47.71 -2.31
CA LEU E 232 -33.74 46.48 -1.55
C LEU E 232 -33.00 45.31 -2.20
N CYS E 233 -32.27 44.57 -1.38
CA CYS E 233 -31.61 43.33 -1.81
C CYS E 233 -32.21 42.34 -0.85
N SER E 234 -33.10 41.46 -1.35
CA SER E 234 -33.81 40.45 -0.54
C SER E 234 -34.64 39.48 -1.32
N SER E 235 -34.80 38.26 -0.78
CA SER E 235 -35.77 37.39 -1.49
C SER E 235 -37.04 37.26 -0.64
N PHE E 236 -36.93 37.36 0.69
CA PHE E 236 -38.10 37.17 1.55
C PHE E 236 -39.02 38.38 1.54
N SER E 237 -39.56 38.67 0.37
CA SER E 237 -40.70 39.58 0.28
C SER E 237 -41.97 38.83 0.65
N ILE E 238 -42.84 39.50 1.41
CA ILE E 238 -44.01 38.86 2.00
C ILE E 238 -45.18 39.06 1.04
N CYS E 239 -45.54 38.00 0.31
CA CYS E 239 -46.64 38.04 -0.66
C CYS E 239 -46.84 36.65 -1.26
N HIS E 240 -48.03 36.46 -1.84
CA HIS E 240 -48.43 35.19 -2.43
C HIS E 240 -47.85 35.02 -3.83
N THR E 241 -47.09 33.94 -4.03
CA THR E 241 -46.44 33.62 -5.29
C THR E 241 -46.11 32.13 -5.28
N PHE E 242 -45.54 31.66 -6.39
CA PHE E 242 -45.01 30.31 -6.45
C PHE E 242 -43.69 30.26 -5.68
N GLN E 243 -43.77 30.36 -4.36
CA GLN E 243 -42.62 30.61 -3.48
C GLN E 243 -41.75 29.37 -3.41
N TRP E 244 -40.94 29.18 -4.46
CA TRP E 244 -40.01 28.06 -4.50
C TRP E 244 -38.97 28.15 -3.39
N HIS E 245 -38.34 29.32 -3.24
CA HIS E 245 -37.27 29.47 -2.25
C HIS E 245 -37.80 29.27 -0.83
N GLU E 246 -38.98 29.83 -0.54
CA GLU E 246 -39.56 29.67 0.79
C GLU E 246 -40.06 28.25 1.04
N ALA E 247 -40.54 27.57 -0.01
CA ALA E 247 -40.86 26.15 0.14
C ALA E 247 -39.61 25.35 0.47
N MET E 248 -38.48 25.68 -0.16
CA MET E 248 -37.21 24.99 0.20
C MET E 248 -36.96 25.33 1.66
N PHE E 249 -37.08 26.60 2.01
CA PHE E 249 -36.75 26.99 3.40
C PHE E 249 -37.51 26.10 4.37
N LEU E 250 -38.80 25.86 4.11
CA LEU E 250 -39.57 24.96 4.97
C LEU E 250 -39.03 23.53 4.92
N LEU E 251 -38.82 23.01 3.71
CA LEU E 251 -38.43 21.62 3.54
C LEU E 251 -37.07 21.33 4.17
N GLU E 252 -36.14 22.26 4.01
CA GLU E 252 -34.77 22.01 4.48
C GLU E 252 -34.77 21.87 5.98
N PHE E 253 -35.71 22.47 6.66
CA PHE E 253 -35.84 22.20 8.08
C PHE E 253 -36.55 20.87 8.32
N PHE E 254 -37.79 20.78 7.89
CA PHE E 254 -38.59 19.61 8.29
C PHE E 254 -37.91 18.29 7.92
N LEU E 255 -37.56 18.09 6.67
CA LEU E 255 -37.05 16.78 6.30
C LEU E 255 -35.71 16.47 6.95
N PRO E 256 -34.70 17.35 6.88
CA PRO E 256 -33.46 17.07 7.64
C PRO E 256 -33.70 16.91 9.14
N LEU E 257 -34.68 17.61 9.71
CA LEU E 257 -35.05 17.35 11.11
C LEU E 257 -35.44 15.90 11.29
N GLY E 258 -36.29 15.38 10.40
CA GLY E 258 -36.69 13.99 10.49
C GLY E 258 -35.50 13.05 10.43
N ILE E 259 -34.61 13.25 9.45
CA ILE E 259 -33.45 12.37 9.31
C ILE E 259 -32.57 12.44 10.55
N ILE E 260 -32.27 13.66 11.01
CA ILE E 260 -31.39 13.83 12.16
C ILE E 260 -31.97 13.15 13.39
N LEU E 261 -33.24 13.41 13.67
CA LEU E 261 -33.85 12.88 14.90
C LEU E 261 -33.97 11.36 14.83
N PHE E 262 -34.32 10.82 13.66
CA PHE E 262 -34.40 9.37 13.52
C PHE E 262 -33.04 8.72 13.75
N CYS E 263 -31.99 9.26 13.14
CA CYS E 263 -30.66 8.71 13.32
C CYS E 263 -30.23 8.80 14.77
N SER E 264 -30.40 9.96 15.40
CA SER E 264 -29.99 10.12 16.79
C SER E 264 -30.73 9.16 17.71
N ALA E 265 -32.06 9.05 17.54
CA ALA E 265 -32.84 8.15 18.37
C ALA E 265 -32.38 6.71 18.22
N ARG E 266 -32.20 6.26 16.97
CA ARG E 266 -31.78 4.88 16.77
C ARG E 266 -30.38 4.61 17.30
N ILE E 267 -29.45 5.56 17.17
CA ILE E 267 -28.11 5.34 17.70
C ILE E 267 -28.15 5.26 19.22
N ILE E 268 -28.97 6.08 19.90
CA ILE E 268 -28.88 6.03 21.39
C ILE E 268 -29.68 4.84 21.88
N TRP E 269 -30.58 4.30 21.06
CA TRP E 269 -31.27 3.07 21.55
C TRP E 269 -30.43 1.86 21.21
N SER E 270 -29.58 1.95 20.20
CA SER E 270 -28.66 0.86 19.93
C SER E 270 -27.57 0.79 21.00
N LEU E 271 -27.02 1.96 21.36
CA LEU E 271 -25.98 1.98 22.40
C LEU E 271 -26.53 1.52 23.73
N ARG E 272 -27.74 1.97 24.10
CA ARG E 272 -28.30 1.58 25.39
C ARG E 272 -28.71 0.11 25.41
N GLN E 273 -29.20 -0.41 24.28
CA GLN E 273 -29.64 -1.79 24.21
C GLN E 273 -28.48 -2.76 24.44
N ARG E 274 -27.28 -2.39 24.00
CA ARG E 274 -26.09 -3.20 24.23
C ARG E 274 -25.50 -3.00 25.61
N GLN E 275 -26.08 -2.13 26.43
CA GLN E 275 -25.58 -1.79 27.75
C GLN E 275 -24.15 -1.25 27.69
N MET E 276 -23.72 -0.78 26.52
CA MET E 276 -22.36 -0.31 26.33
C MET E 276 -22.15 1.10 26.88
N ASP E 277 -23.25 1.82 27.18
CA ASP E 277 -23.13 3.09 27.88
C ASP E 277 -22.60 2.95 29.30
N ARG E 278 -22.32 1.72 29.74
CA ARG E 278 -21.69 1.49 31.04
C ARG E 278 -20.31 2.12 31.14
N HIS E 279 -19.69 2.49 30.01
CA HIS E 279 -18.41 3.19 30.00
C HIS E 279 -18.65 4.68 29.92
N ALA E 280 -17.80 5.44 30.62
CA ALA E 280 -17.97 6.89 30.68
C ALA E 280 -17.85 7.54 29.30
N LYS E 281 -16.90 7.09 28.49
CA LYS E 281 -16.69 7.69 27.17
C LYS E 281 -17.91 7.49 26.27
N ILE E 282 -18.49 6.28 26.30
CA ILE E 282 -19.73 6.05 25.56
C ILE E 282 -20.86 6.90 26.13
N LYS E 283 -20.86 7.11 27.44
CA LYS E 283 -21.90 7.94 28.05
C LYS E 283 -21.80 9.39 27.57
N ARG E 284 -20.58 9.90 27.40
CA ARG E 284 -20.38 11.22 26.80
C ARG E 284 -20.79 11.24 25.33
N ALA E 285 -20.47 10.16 24.62
CA ALA E 285 -20.89 10.00 23.23
C ALA E 285 -22.41 10.08 23.11
N ILE E 286 -23.12 9.47 24.06
CA ILE E 286 -24.57 9.53 24.12
C ILE E 286 -25.03 10.98 24.16
N THR E 287 -24.38 11.80 25.00
CA THR E 287 -24.76 13.19 25.15
C THR E 287 -24.55 13.97 23.85
N PHE E 288 -23.38 13.82 23.23
CA PHE E 288 -23.15 14.51 21.95
C PHE E 288 -24.18 14.10 20.90
N ILE E 289 -24.38 12.79 20.76
CA ILE E 289 -25.24 12.25 19.71
C ILE E 289 -26.68 12.70 19.93
N MET E 290 -27.06 12.95 21.18
CA MET E 290 -28.40 13.50 21.42
C MET E 290 -28.45 15.00 21.15
N VAL E 291 -27.52 15.77 21.72
CA VAL E 291 -27.63 17.23 21.69
C VAL E 291 -27.39 17.82 20.30
N VAL E 292 -26.86 17.05 19.35
CA VAL E 292 -26.71 17.60 18.00
C VAL E 292 -28.08 18.02 17.44
N ALA E 293 -29.09 17.17 17.61
CA ALA E 293 -30.44 17.50 17.17
C ALA E 293 -30.99 18.69 17.94
N ILE E 294 -30.68 18.76 19.25
CA ILE E 294 -31.17 19.85 20.08
C ILE E 294 -30.66 21.18 19.58
N VAL E 295 -29.35 21.28 19.31
CA VAL E 295 -28.80 22.53 18.83
C VAL E 295 -29.35 22.87 17.45
N PHE E 296 -29.53 21.86 16.59
CA PHE E 296 -30.13 22.11 15.29
C PHE E 296 -31.52 22.72 15.42
N VAL E 297 -32.35 22.15 16.30
CA VAL E 297 -33.71 22.65 16.48
C VAL E 297 -33.67 24.07 17.05
N ILE E 298 -32.86 24.29 18.08
CA ILE E 298 -32.77 25.61 18.71
C ILE E 298 -32.40 26.66 17.67
N CYS E 299 -31.50 26.31 16.75
CA CYS E 299 -31.04 27.29 15.77
C CYS E 299 -32.07 27.56 14.68
N PHE E 300 -32.68 26.50 14.13
CA PHE E 300 -33.52 26.73 12.95
C PHE E 300 -35.02 26.89 13.23
N LEU E 301 -35.57 26.16 14.20
CA LEU E 301 -37.02 26.10 14.38
C LEU E 301 -37.72 27.46 14.45
N PRO E 302 -37.26 28.44 15.22
CA PRO E 302 -38.02 29.70 15.29
C PRO E 302 -38.16 30.41 13.95
N SER E 303 -37.12 30.44 13.12
CA SER E 303 -37.23 31.15 11.84
C SER E 303 -38.24 30.48 10.92
N VAL E 304 -38.20 29.16 10.82
CA VAL E 304 -39.13 28.46 9.93
C VAL E 304 -40.55 28.54 10.46
N VAL E 305 -40.73 28.46 11.79
CA VAL E 305 -42.08 28.57 12.34
C VAL E 305 -42.63 29.99 12.15
N VAL E 306 -41.78 31.01 12.24
CA VAL E 306 -42.24 32.37 11.95
C VAL E 306 -42.60 32.51 10.48
N ARG E 307 -41.84 31.87 9.59
CA ARG E 307 -42.21 31.94 8.17
C ARG E 307 -43.53 31.21 7.91
N ILE E 308 -43.78 30.12 8.63
CA ILE E 308 -45.07 29.45 8.56
C ILE E 308 -46.17 30.38 9.07
N ARG E 309 -45.86 31.18 10.09
CA ARG E 309 -46.90 32.14 10.52
C ARG E 309 -47.13 33.07 9.33
N ILE E 310 -46.03 33.57 8.81
CA ILE E 310 -46.19 34.54 7.71
C ILE E 310 -47.16 33.99 6.67
N PHE E 311 -47.03 32.71 6.37
CA PHE E 311 -47.91 32.16 5.31
C PHE E 311 -49.32 32.02 5.87
N TRP E 312 -49.45 31.73 7.15
CA TRP E 312 -50.77 31.66 7.78
C TRP E 312 -51.47 33.01 7.74
N LEU E 313 -50.77 34.06 8.16
CA LEU E 313 -51.35 35.40 8.19
C LEU E 313 -51.67 35.90 6.79
N LEU E 314 -50.78 35.64 5.83
CA LEU E 314 -51.04 36.01 4.44
C LEU E 314 -52.31 35.33 3.92
N HIS E 315 -52.46 34.04 4.23
CA HIS E 315 -53.61 33.28 3.72
C HIS E 315 -54.91 33.72 4.38
N THR E 316 -54.90 33.96 5.69
CA THR E 316 -56.17 34.24 6.36
C THR E 316 -56.52 35.72 6.39
N SER E 317 -55.58 36.58 6.76
CA SER E 317 -55.89 38.00 6.98
C SER E 317 -56.04 38.79 5.69
N GLY E 318 -55.60 38.24 4.55
CA GLY E 318 -55.75 38.95 3.30
C GLY E 318 -54.71 40.04 3.09
N THR E 319 -54.88 40.75 1.98
CA THR E 319 -53.93 41.76 1.54
C THR E 319 -54.41 43.18 1.86
N GLN E 320 -53.59 44.16 1.50
CA GLN E 320 -53.90 45.59 1.55
C GLN E 320 -54.08 46.12 2.97
N ASN E 321 -53.61 45.40 3.97
CA ASN E 321 -53.62 45.88 5.36
C ASN E 321 -52.32 45.46 6.05
N CYS E 322 -51.20 45.71 5.38
CA CYS E 322 -49.92 45.14 5.78
C CYS E 322 -49.39 45.69 7.09
N GLU E 323 -49.96 46.77 7.62
CA GLU E 323 -49.37 47.45 8.77
C GLU E 323 -49.17 46.54 9.98
N VAL E 324 -50.04 45.54 10.15
CA VAL E 324 -49.96 44.71 11.34
C VAL E 324 -48.79 43.73 11.33
N TYR E 325 -48.24 43.39 10.16
CA TYR E 325 -47.17 42.41 10.08
C TYR E 325 -45.81 42.94 10.51
N ARG E 326 -45.70 44.22 10.88
CA ARG E 326 -44.37 44.79 11.13
C ARG E 326 -43.64 44.10 12.28
N SER E 327 -44.33 43.84 13.38
CA SER E 327 -43.69 43.19 14.51
C SER E 327 -43.25 41.78 14.17
N VAL E 328 -44.09 41.04 13.42
CA VAL E 328 -43.74 39.67 13.08
C VAL E 328 -42.60 39.63 12.06
N ASP E 329 -42.52 40.61 11.14
CA ASP E 329 -41.38 40.67 10.23
C ASP E 329 -40.10 41.02 10.97
N LEU E 330 -40.20 41.97 11.92
CA LEU E 330 -39.08 42.26 12.80
C LEU E 330 -38.59 40.99 13.49
N ALA E 331 -39.52 40.24 14.09
CA ALA E 331 -39.15 39.00 14.76
C ALA E 331 -38.55 38.00 13.79
N PHE E 332 -39.09 37.91 12.58
CA PHE E 332 -38.57 36.98 11.59
C PHE E 332 -37.11 37.27 11.27
N PHE E 333 -36.81 38.51 10.90
CA PHE E 333 -35.43 38.88 10.53
C PHE E 333 -34.51 38.69 11.74
N ILE E 334 -34.92 39.19 12.90
CA ILE E 334 -34.01 39.12 14.05
C ILE E 334 -33.75 37.67 14.46
N THR E 335 -34.79 36.81 14.46
CA THR E 335 -34.60 35.43 14.87
C THR E 335 -33.88 34.61 13.79
N LEU E 336 -33.95 35.05 12.53
CA LEU E 336 -33.29 34.31 11.47
C LEU E 336 -31.79 34.17 11.71
N SER E 337 -31.19 35.13 12.40
CA SER E 337 -29.75 35.09 12.65
C SER E 337 -29.32 33.87 13.45
N PHE E 338 -30.27 33.10 13.96
CA PHE E 338 -29.88 31.88 14.67
C PHE E 338 -29.37 30.78 13.73
N THR E 339 -29.61 30.93 12.55
CA THR E 339 -28.90 29.94 11.74
C THR E 339 -27.42 30.27 11.68
N TYR E 340 -27.09 31.56 11.76
CA TYR E 340 -25.67 31.96 11.83
C TYR E 340 -25.21 31.49 13.21
N MET E 341 -26.02 31.72 14.25
CA MET E 341 -25.70 31.15 15.56
C MET E 341 -25.35 29.69 15.38
N ASN E 342 -26.07 28.91 14.62
CA ASN E 342 -25.73 27.54 14.26
C ASN E 342 -24.36 27.47 13.61
N SER E 343 -24.06 28.40 12.72
CA SER E 343 -22.74 28.44 12.11
C SER E 343 -21.64 28.65 13.14
N MET E 344 -21.94 29.42 14.19
CA MET E 344 -20.98 29.60 15.27
C MET E 344 -20.78 28.33 16.07
N LEU E 345 -21.85 27.54 16.27
CA LEU E 345 -21.79 26.39 17.16
C LEU E 345 -21.43 25.07 16.47
N ASP E 346 -21.56 24.98 15.15
CA ASP E 346 -21.15 23.77 14.42
C ASP E 346 -19.73 23.27 14.72
N PRO E 347 -18.71 24.11 14.84
CA PRO E 347 -17.38 23.58 15.19
C PRO E 347 -17.34 22.75 16.47
N VAL E 348 -18.39 22.80 17.30
CA VAL E 348 -18.48 21.88 18.43
C VAL E 348 -18.53 20.44 17.96
N VAL E 349 -19.10 20.19 16.77
CA VAL E 349 -19.19 18.83 16.27
C VAL E 349 -17.82 18.22 15.99
N TYR E 350 -16.88 19.02 15.48
CA TYR E 350 -15.56 18.50 15.14
C TYR E 350 -14.44 19.20 15.91
N TYR E 351 -14.42 20.54 15.88
CA TYR E 351 -13.33 21.26 16.53
C TYR E 351 -13.42 21.17 18.05
N PHE E 352 -14.59 21.45 18.62
CA PHE E 352 -14.81 21.38 20.06
C PHE E 352 -15.37 20.02 20.49
N SER E 353 -14.87 18.96 19.86
CA SER E 353 -15.36 17.60 19.96
C SER E 353 -14.79 16.85 21.15
N SER E 354 -14.85 15.51 21.09
CA SER E 354 -14.60 14.56 22.18
C SER E 354 -13.19 14.72 22.75
N PRO E 355 -12.82 14.02 23.83
CA PRO E 355 -11.57 14.36 24.55
C PRO E 355 -10.31 14.37 23.70
N SER E 356 -10.36 13.93 22.44
CA SER E 356 -9.22 14.15 21.54
C SER E 356 -9.01 15.64 21.26
N PHE E 357 -10.08 16.42 21.24
CA PHE E 357 -9.95 17.85 20.98
C PHE E 357 -9.14 18.58 22.05
C10 OKL F . -30.50 34.99 3.35
C12 OKL F . -30.38 35.86 4.44
C13 OKL F . -31.10 37.01 4.51
C15 OKL F . -29.96 36.88 6.28
C01 OKL F . -29.54 39.89 0.46
C02 OKL F . -30.06 40.30 1.80
C03 OKL F . -31.48 39.86 2.00
C04 OKL F . -31.96 39.80 3.42
C05 OKL F . -32.81 38.58 3.64
C07 OKL F . -32.18 36.54 2.42
N06 OKL F . -32.00 37.36 3.52
N09 OKL F . -31.42 35.42 2.41
N14 OKL F . -30.85 37.68 5.66
N16 OKL F . -29.64 35.79 5.58
O08 OKL F . -32.96 36.82 1.54
O11 OKL F . -29.90 33.94 3.20
CL17 OKL F . -29.37 37.23 7.85
#